data_7G6E
#
_entry.id   7G6E
#
_cell.length_a   83.868
_cell.length_b   91.785
_cell.length_c   119.587
_cell.angle_alpha   90.000
_cell.angle_beta   90.000
_cell.angle_gamma   90.000
#
_symmetry.space_group_name_H-M   'P 21 21 21'
#
loop_
_entity.id
_entity.type
_entity.pdbx_description
1 polymer 'Isoform 2 of Ectonucleotide pyrophosphatase/phosphodiesterase family member 2'
2 branched alpha-D-mannopyranose-(1-2)-alpha-D-mannopyranose-(1-3)-alpha-D-mannopyranose-(1-6)-[alpha-D-mannopyranose-(1-2)-alpha-D-mannopyranose-(1-3)]beta-D-mannopyranose-(1-4)-2-acetamido-2-deoxy-beta-D-glucopyranose-(1-4)-2-acetamido-2-deoxy-beta-D-glucopyranose
3 non-polymer 4-[(7-benzyl-9-methyl-8-oxo-8,9-dihydro-7H-purin-2-yl)amino]-N-(1-methylpiperidin-4-yl)benzamide
4 non-polymer 'POTASSIUM ION'
5 non-polymer 'ACETATE ION'
6 non-polymer 'CHLORIDE ION'
7 non-polymer 'CALCIUM ION'
8 non-polymer 'ZINC ION'
9 non-polymer 'SODIUM ION'
10 non-polymer 2-(4-chloroanilino)-7,9-dimethyl-7,9-dihydro-8H-purin-8-one
11 water water
#
_entity_poly.entity_id   1
_entity_poly.type   'polypeptide(L)'
_entity_poly.pdbx_seq_one_letter_code
;FTASRIKRAEWDEGPPTVLSDSPWTATSGSCKGRCFELQEVGPPDCRCDNLCKSYSSCCHDFDELCLKTARGWECTKDRC
GEVRNEENACHCSEDCLSRGDCCTNYQVVCKGESHWVDDDCEEIKVPECPAGFVRPPLIIFSVDGFRASYMKKGSKVMPN
IEKLRSCGTHAPYMRPVYPTKTFPNLYTLATGLYPESHGIVGNSMYDPVFDASFHLRGREKFNHRWWGGQPLWITATKQG
VRAGTFFWSVSIPHERRILTILQWLSLPDNERPSVYAFYSEQPDFSGHKYGPFGPEMTNPLREIDKTVGQLMDGLKQLRL
HRCVNVIFVGDHGMEDVTCDRTEFLSNYLTNVDDITLVPGTLGRIRAKSINNSKYDPKTIIAALTCKKPDQHFKPYMKQH
LPKRLHYANNRRIEDIHLLVDRRWHVARKPLDVYKKPSGKCFFQGDHGFDNKVNSMQTVFVGYGPTFKYRTKVPPFENIE
LYNVMCDLLGLKPAPNNGTHGSLNHLLRTNTFRPTMPDEVSRPNYPGIMYLQSEFDLGCTCDDKVEPKNKLEELNKRLHT
KGSTKERHLLYGRPAVLYRTSYDILYHTDFESGYSEIFLMPLWTSYTISKQAEVSSIPEHLTNCVRPDVRVSPGFSQNCL
AYKNDKQMSYGFLFPPYLSSSPEAKYDAFLVTNMVPMYPAFKRVWAYFQRVLVKKYASERNGVNVISGPIFDYNYDGLRD
TEDEIKQYVEGSSIPVPTHYYSIITSCLDFTQPADKCDGPLSVSSFILPHRPDNDESCNSSEDESKWVEELMKMHTARVR
DIEHLTGLDFYRKTSRSYSEILTLKTYLHTYESEIGGRHHHHHHHH
;
_entity_poly.pdbx_strand_id   A
#
# COMPACT_ATOMS: atom_id res chain seq x y z
N TRP A 24 32.15 24.10 -6.73
CA TRP A 24 33.47 24.27 -6.05
C TRP A 24 33.36 24.08 -4.53
N THR A 25 34.28 23.28 -3.98
CA THR A 25 34.44 23.13 -2.53
C THR A 25 35.91 23.37 -2.15
N ALA A 26 36.13 24.31 -1.23
CA ALA A 26 37.47 24.63 -0.77
C ALA A 26 37.85 23.67 0.36
N THR A 27 38.36 22.50 -0.02
CA THR A 27 38.52 21.38 0.93
C THR A 27 39.69 21.53 1.95
N SER A 28 40.25 22.74 2.03
CA SER A 28 41.37 23.07 2.92
C SER A 28 41.01 23.40 4.40
N GLY A 29 39.72 23.58 4.71
CA GLY A 29 39.26 23.60 6.12
C GLY A 29 39.53 22.25 6.80
N SER A 30 39.10 22.11 8.05
CA SER A 30 39.39 20.89 8.83
C SER A 30 38.18 20.29 9.56
N CYS A 31 38.15 18.95 9.66
CA CYS A 31 37.10 18.23 10.41
C CYS A 31 37.40 18.04 11.90
N LYS A 32 38.51 18.61 12.35
CA LYS A 32 38.87 18.64 13.76
C LYS A 32 37.68 19.08 14.63
N GLY A 33 37.34 18.26 15.63
CA GLY A 33 36.13 18.42 16.44
C GLY A 33 34.76 18.48 15.73
N ARG A 34 34.67 18.03 14.47
CA ARG A 34 33.47 18.19 13.65
C ARG A 34 32.99 16.88 13.04
N CYS A 35 33.55 15.76 13.47
CA CYS A 35 33.38 14.50 12.74
C CYS A 35 31.90 14.09 12.83
N PHE A 36 31.26 13.86 11.68
CA PHE A 36 29.83 13.52 11.61
C PHE A 36 28.96 14.56 12.32
N GLU A 37 29.33 15.82 12.09
CA GLU A 37 28.49 16.95 12.48
C GLU A 37 27.08 16.79 11.90
N LEU A 38 26.10 17.28 12.65
CA LEU A 38 24.70 17.10 12.30
C LEU A 38 24.11 18.14 11.33
N GLN A 39 24.51 19.41 11.45
CA GLN A 39 24.07 20.43 10.51
C GLN A 39 25.08 20.47 9.37
N GLU A 40 24.59 20.29 8.14
CA GLU A 40 25.47 20.32 6.97
C GLU A 40 25.80 21.76 6.61
N VAL A 41 27.09 22.03 6.36
CA VAL A 41 27.49 23.36 5.90
C VAL A 41 27.44 23.47 4.36
N GLY A 42 27.24 24.69 3.87
CA GLY A 42 27.06 24.96 2.44
C GLY A 42 28.36 25.31 1.72
N PRO A 43 28.47 24.93 0.42
CA PRO A 43 29.64 25.28 -0.39
C PRO A 43 29.95 26.81 -0.42
N PRO A 44 31.24 27.17 -0.61
CA PRO A 44 32.36 26.24 -0.80
C PRO A 44 33.10 25.87 0.51
N ASP A 45 32.43 26.00 1.67
CA ASP A 45 32.98 25.48 2.93
C ASP A 45 33.00 23.95 2.89
N CYS A 46 34.06 23.33 3.40
CA CYS A 46 34.15 21.88 3.33
C CYS A 46 33.34 21.18 4.44
N ARG A 47 32.89 19.96 4.12
CA ARG A 47 31.91 19.24 4.94
C ARG A 47 32.54 18.08 5.72
N CYS A 48 31.94 17.75 6.85
CA CYS A 48 32.37 16.64 7.72
C CYS A 48 31.18 15.75 8.11
N ASP A 49 30.04 15.90 7.41
CA ASP A 49 28.79 15.18 7.75
C ASP A 49 28.76 13.79 7.08
N ASN A 50 27.82 12.92 7.47
CA ASN A 50 27.85 11.56 6.91
C ASN A 50 27.59 11.39 5.41
N LEU A 51 27.31 12.51 4.72
CA LEU A 51 27.09 12.53 3.28
C LEU A 51 28.17 13.24 2.43
N CYS A 52 29.19 13.79 3.08
CA CYS A 52 30.20 14.59 2.37
C CYS A 52 30.90 13.80 1.25
N LYS A 53 31.20 12.51 1.48
CA LYS A 53 31.79 11.65 0.44
C LYS A 53 30.95 11.64 -0.82
N SER A 54 29.64 11.54 -0.66
CA SER A 54 28.70 11.41 -1.79
C SER A 54 28.66 12.66 -2.66
N TYR A 55 28.93 13.80 -2.05
CA TYR A 55 28.93 15.10 -2.73
C TYR A 55 30.33 15.51 -3.22
N SER A 56 31.34 14.65 -3.03
CA SER A 56 32.76 15.06 -3.25
C SER A 56 33.16 16.35 -2.52
N SER A 57 32.89 16.43 -1.22
CA SER A 57 33.01 17.71 -0.53
C SER A 57 33.63 17.65 0.86
N CYS A 58 34.16 16.50 1.27
CA CYS A 58 34.73 16.35 2.61
C CYS A 58 35.98 17.18 2.72
N CYS A 59 36.27 17.66 3.94
CA CYS A 59 37.56 18.30 4.19
C CYS A 59 38.69 17.32 3.99
N HIS A 60 39.87 17.89 3.70
CA HIS A 60 41.09 17.15 3.44
C HIS A 60 41.38 16.03 4.44
N ASP A 61 41.09 16.27 5.75
CA ASP A 61 41.43 15.34 6.86
C ASP A 61 40.27 14.48 7.37
N PHE A 62 39.21 14.41 6.58
CA PHE A 62 38.05 13.63 6.98
C PHE A 62 38.37 12.15 7.20
N ASP A 63 39.07 11.50 6.27
CA ASP A 63 39.40 10.07 6.46
C ASP A 63 40.24 9.88 7.71
N GLU A 64 41.27 10.70 7.87
CA GLU A 64 42.20 10.58 9.00
C GLU A 64 41.48 10.73 10.34
N LEU A 65 40.70 11.82 10.45
CA LEU A 65 40.01 12.14 11.72
C LEU A 65 38.76 11.33 11.92
N CYS A 66 37.94 11.20 10.88
CA CYS A 66 36.58 10.68 11.05
C CYS A 66 36.41 9.21 10.72
N LEU A 67 37.29 8.66 9.88
CA LEU A 67 37.14 7.28 9.48
C LEU A 67 38.30 6.41 9.95
N LYS A 68 38.66 6.56 11.22
CA LYS A 68 39.69 5.75 11.86
C LYS A 68 39.33 4.31 11.79
N THR A 69 40.34 3.48 11.58
CA THR A 69 40.12 2.05 11.48
C THR A 69 41.11 1.29 12.32
N ALA A 70 42.12 1.99 12.85
CA ALA A 70 43.24 1.32 13.49
C ALA A 70 42.75 0.38 14.57
N ARG A 71 43.26 -0.85 14.50
CA ARG A 71 43.02 -1.87 15.50
C ARG A 71 41.61 -2.47 15.43
N GLY A 72 40.84 -2.09 14.41
CA GLY A 72 39.55 -2.73 14.15
C GLY A 72 38.45 -2.33 15.13
N TRP A 73 37.45 -3.21 15.28
CA TRP A 73 36.16 -2.80 15.85
C TRP A 73 35.84 -3.45 17.16
N GLU A 74 36.75 -4.25 17.69
CA GLU A 74 36.44 -5.02 18.90
C GLU A 74 37.56 -4.91 19.93
N CYS A 75 37.18 -4.82 21.21
CA CYS A 75 38.14 -4.90 22.28
C CYS A 75 38.64 -6.34 22.37
N THR A 76 39.88 -6.50 22.85
CA THR A 76 40.45 -7.82 23.15
C THR A 76 40.94 -7.74 24.58
N LYS A 77 41.13 -8.91 25.22
CA LYS A 77 41.56 -8.97 26.63
C LYS A 77 42.72 -8.03 26.95
N ASP A 78 43.72 -8.01 26.08
CA ASP A 78 44.92 -7.18 26.31
C ASP A 78 44.74 -5.66 26.13
N ARG A 79 43.64 -5.22 25.51
CA ARG A 79 43.37 -3.78 25.33
C ARG A 79 42.66 -3.15 26.53
N CYS A 80 42.13 -3.97 27.44
CA CYS A 80 41.38 -3.49 28.60
C CYS A 80 42.20 -2.55 29.47
N GLY A 81 41.61 -1.40 29.81
CA GLY A 81 42.29 -0.38 30.60
C GLY A 81 43.49 0.27 29.92
N GLU A 82 43.70 -0.02 28.64
CA GLU A 82 44.74 0.61 27.84
C GLU A 82 44.74 2.13 28.04
N VAL A 83 45.88 2.73 27.69
CA VAL A 83 46.02 4.18 27.70
C VAL A 83 45.36 4.66 26.41
N ARG A 84 44.46 5.62 26.52
CA ARG A 84 43.73 6.14 25.35
C ARG A 84 44.67 6.52 24.21
N ASN A 85 44.54 5.85 23.07
CA ASN A 85 45.22 6.23 21.85
C ASN A 85 44.19 6.74 20.83
N GLU A 86 44.21 8.05 20.57
CA GLU A 86 43.19 8.70 19.73
C GLU A 86 43.11 8.19 18.30
N GLU A 87 44.16 7.52 17.83
CA GLU A 87 44.17 6.89 16.50
C GLU A 87 43.27 5.66 16.33
N ASN A 88 42.88 5.02 17.42
CA ASN A 88 42.12 3.77 17.36
C ASN A 88 40.69 3.99 16.85
N ALA A 89 40.16 2.99 16.16
CA ALA A 89 38.80 3.05 15.61
C ALA A 89 37.81 3.23 16.75
N CYS A 90 38.02 2.47 17.79
CA CYS A 90 37.19 2.61 18.99
C CYS A 90 38.08 2.28 20.18
N HIS A 91 37.58 2.43 21.40
CA HIS A 91 38.48 2.43 22.57
C HIS A 91 38.11 1.45 23.64
N CYS A 92 39.10 1.05 24.46
CA CYS A 92 38.88 0.07 25.52
C CYS A 92 39.52 0.57 26.81
N SER A 93 39.95 1.83 26.77
CA SER A 93 40.53 2.51 27.91
C SER A 93 39.42 2.80 28.90
N GLU A 94 39.79 3.02 30.16
CA GLU A 94 38.83 3.30 31.24
C GLU A 94 37.92 4.51 30.99
N ASP A 95 38.41 5.52 30.29
CA ASP A 95 37.60 6.73 30.10
C ASP A 95 36.55 6.59 28.99
N CYS A 96 36.47 5.44 28.32
CA CYS A 96 35.68 5.38 27.06
C CYS A 96 34.16 5.54 27.27
N LEU A 97 33.61 4.95 28.34
CA LEU A 97 32.17 5.09 28.59
C LEU A 97 31.75 6.56 28.69
N SER A 98 32.48 7.37 29.46
CA SER A 98 32.15 8.81 29.56
C SER A 98 32.49 9.60 28.29
N ARG A 99 33.45 9.13 27.49
CA ARG A 99 33.71 9.72 26.18
C ARG A 99 32.66 9.23 25.14
N GLY A 100 31.93 8.17 25.48
CA GLY A 100 30.90 7.58 24.58
C GLY A 100 31.46 6.90 23.33
N ASP A 101 32.70 6.44 23.39
CA ASP A 101 33.34 5.87 22.22
C ASP A 101 34.06 4.56 22.48
N CYS A 102 33.58 3.74 23.40
CA CYS A 102 34.09 2.39 23.51
C CYS A 102 33.69 1.55 22.28
N CYS A 103 34.51 0.55 21.97
CA CYS A 103 34.07 -0.53 21.09
C CYS A 103 32.83 -1.12 21.71
N THR A 104 31.96 -1.65 20.87
CA THR A 104 30.64 -2.03 21.33
C THR A 104 30.73 -3.20 22.25
N ASN A 105 31.81 -3.99 22.12
CA ASN A 105 31.98 -5.16 23.00
C ASN A 105 32.83 -4.91 24.26
N TYR A 106 33.10 -3.64 24.53
CA TYR A 106 33.95 -3.27 25.66
C TYR A 106 33.57 -3.88 27.00
N GLN A 107 32.34 -3.66 27.46
CA GLN A 107 31.92 -4.18 28.76
CA GLN A 107 31.95 -4.18 28.78
C GLN A 107 31.91 -5.71 28.82
N VAL A 108 31.75 -6.33 27.65
CA VAL A 108 31.75 -7.78 27.59
C VAL A 108 33.19 -8.33 27.72
N VAL A 109 34.13 -7.80 26.93
CA VAL A 109 35.53 -8.26 26.97
C VAL A 109 36.19 -7.89 28.31
N CYS A 110 36.00 -6.63 28.72
CA CYS A 110 36.77 -6.02 29.79
C CYS A 110 36.07 -5.94 31.13
N LYS A 111 34.75 -5.90 31.15
CA LYS A 111 34.05 -5.79 32.44
C LYS A 111 33.20 -7.02 32.78
N GLY A 112 33.47 -8.16 32.15
CA GLY A 112 32.71 -9.40 32.39
C GLY A 112 31.20 -9.36 32.13
N GLU A 113 30.73 -8.37 31.35
CA GLU A 113 29.30 -8.34 31.01
C GLU A 113 28.90 -9.37 29.96
N SER A 114 27.60 -9.66 29.87
CA SER A 114 27.07 -10.50 28.78
C SER A 114 26.65 -9.67 27.54
N HIS A 115 26.77 -10.29 26.36
CA HIS A 115 26.18 -9.73 25.14
C HIS A 115 24.69 -9.59 25.34
N TRP A 116 24.09 -8.60 24.71
CA TRP A 116 22.64 -8.44 24.82
C TRP A 116 21.90 -9.69 24.35
N VAL A 117 22.37 -10.35 23.30
CA VAL A 117 21.63 -11.50 22.75
C VAL A 117 21.60 -12.68 23.73
N ASP A 118 22.55 -12.74 24.65
CA ASP A 118 22.62 -13.83 25.64
C ASP A 118 21.74 -13.64 26.89
N ASP A 119 21.12 -12.48 27.06
CA ASP A 119 20.24 -12.23 28.19
C ASP A 119 18.85 -12.70 27.84
N ASP A 120 18.15 -13.22 28.85
CA ASP A 120 16.74 -13.58 28.71
C ASP A 120 16.01 -12.33 28.30
N CYS A 121 14.95 -12.42 27.54
CA CYS A 121 14.22 -11.18 27.48
C CYS A 121 13.22 -11.01 28.59
N GLU A 122 13.01 -9.76 28.94
CA GLU A 122 12.21 -9.40 30.07
C GLU A 122 11.41 -8.28 29.51
N GLU A 123 10.13 -8.33 29.75
CA GLU A 123 9.20 -7.29 29.34
C GLU A 123 9.68 -5.90 29.73
N ILE A 124 9.53 -4.95 28.81
CA ILE A 124 9.89 -3.57 29.09
C ILE A 124 8.56 -2.86 29.26
N LYS A 125 8.07 -2.85 30.50
CA LYS A 125 6.77 -2.23 30.79
C LYS A 125 6.82 -0.71 30.76
N VAL A 126 7.95 -0.12 31.12
CA VAL A 126 8.09 1.34 31.14
C VAL A 126 9.47 1.68 30.57
N PRO A 127 9.62 2.84 29.95
CA PRO A 127 10.99 3.20 29.52
C PRO A 127 11.88 3.33 30.73
N GLU A 128 13.06 2.72 30.65
CA GLU A 128 14.08 2.86 31.71
C GLU A 128 15.21 3.65 31.09
N CYS A 129 15.14 4.97 31.20
CA CYS A 129 16.04 5.86 30.46
C CYS A 129 16.96 6.61 31.44
N PRO A 130 18.18 6.99 31.00
CA PRO A 130 19.03 7.83 31.87
C PRO A 130 18.42 9.19 32.15
N ALA A 131 18.86 9.80 33.24
CA ALA A 131 18.43 11.16 33.57
C ALA A 131 18.75 12.10 32.40
N GLY A 132 17.82 12.98 32.08
CA GLY A 132 18.01 13.92 30.97
C GLY A 132 17.30 13.52 29.68
N PHE A 133 17.01 12.25 29.48
CA PHE A 133 16.21 11.82 28.33
C PHE A 133 14.74 12.24 28.44
N VAL A 134 14.25 13.10 27.54
CA VAL A 134 12.83 13.62 27.57
C VAL A 134 11.82 12.62 26.97
N ARG A 135 12.31 11.65 26.19
CA ARG A 135 11.46 10.67 25.49
C ARG A 135 12.36 9.49 25.07
N PRO A 136 11.81 8.27 25.00
CA PRO A 136 12.60 7.17 24.42
C PRO A 136 13.07 7.51 22.96
N PRO A 137 14.38 7.42 22.69
CA PRO A 137 14.81 7.72 21.31
C PRO A 137 14.26 6.61 20.37
N LEU A 138 14.17 6.89 19.06
CA LEU A 138 13.76 5.91 18.07
C LEU A 138 14.96 5.61 17.15
N ILE A 139 15.28 4.33 16.98
CA ILE A 139 16.32 3.98 16.01
C ILE A 139 15.69 3.10 14.90
N ILE A 140 15.78 3.57 13.65
CA ILE A 140 15.28 2.80 12.52
C ILE A 140 16.46 2.03 11.93
N PHE A 141 16.37 0.70 11.90
CA PHE A 141 17.47 -0.11 11.38
C PHE A 141 16.92 -0.70 10.07
N SER A 142 17.25 -0.09 8.93
CA SER A 142 16.68 -0.53 7.66
C SER A 142 17.65 -1.38 6.87
N VAL A 143 17.10 -2.43 6.29
CA VAL A 143 17.93 -3.41 5.57
C VAL A 143 17.42 -3.55 4.15
N ASP A 144 18.31 -3.44 3.19
CA ASP A 144 17.92 -3.45 1.78
C ASP A 144 17.72 -4.89 1.29
N GLY A 145 16.58 -5.18 0.65
CA GLY A 145 16.42 -6.51 0.02
C GLY A 145 16.14 -7.63 1.02
N PHE A 146 15.71 -7.29 2.22
CA PHE A 146 15.53 -8.29 3.25
C PHE A 146 14.13 -8.91 3.11
N ARG A 147 14.09 -10.02 2.41
CA ARG A 147 12.84 -10.71 2.08
C ARG A 147 12.18 -11.30 3.33
N ALA A 148 10.85 -11.23 3.40
CA ALA A 148 10.15 -11.64 4.61
C ALA A 148 10.52 -13.06 5.06
N SER A 149 10.72 -13.98 4.13
CA SER A 149 10.90 -15.34 4.58
C SER A 149 12.27 -15.55 5.16
N TYR A 150 13.16 -14.56 5.05
CA TYR A 150 14.46 -14.73 5.70
C TYR A 150 14.32 -14.86 7.21
N MET A 151 13.30 -14.23 7.81
CA MET A 151 13.09 -14.40 9.30
C MET A 151 13.00 -15.84 9.76
N LYS A 152 12.35 -16.68 8.96
CA LYS A 152 12.26 -18.10 9.32
C LYS A 152 13.46 -18.86 8.74
N LYS A 153 13.70 -18.69 7.44
CA LYS A 153 14.73 -19.45 6.73
C LYS A 153 16.16 -19.17 7.21
N GLY A 154 16.44 -17.94 7.65
CA GLY A 154 17.79 -17.63 8.13
C GLY A 154 17.89 -17.57 9.64
N SER A 155 16.88 -18.06 10.35
CA SER A 155 16.81 -17.87 11.83
C SER A 155 17.97 -18.44 12.58
N LYS A 156 18.58 -19.49 12.05
CA LYS A 156 19.69 -20.17 12.72
C LYS A 156 20.94 -19.31 12.75
N VAL A 157 21.04 -18.39 11.79
CA VAL A 157 22.24 -17.59 11.68
C VAL A 157 22.03 -16.12 12.09
N MET A 158 20.85 -15.80 12.61
CA MET A 158 20.55 -14.40 13.01
C MET A 158 20.04 -14.33 14.45
N PRO A 159 20.86 -14.71 15.43
CA PRO A 159 20.32 -14.74 16.81
C PRO A 159 19.86 -13.38 17.37
N ASN A 160 20.56 -12.28 17.05
CA ASN A 160 20.17 -10.96 17.57
C ASN A 160 18.83 -10.53 16.97
N ILE A 161 18.72 -10.68 15.65
CA ILE A 161 17.46 -10.30 14.95
C ILE A 161 16.31 -11.19 15.45
N GLU A 162 16.59 -12.47 15.65
CA GLU A 162 15.55 -13.37 16.17
C GLU A 162 15.11 -13.02 17.54
N LYS A 163 16.03 -12.54 18.37
CA LYS A 163 15.65 -12.09 19.74
C LYS A 163 14.78 -10.82 19.65
N LEU A 164 15.15 -9.87 18.82
CA LEU A 164 14.27 -8.69 18.63
C LEU A 164 12.88 -9.13 18.20
N ARG A 165 12.86 -10.04 17.24
CA ARG A 165 11.60 -10.47 16.65
CA ARG A 165 11.59 -10.49 16.65
C ARG A 165 10.72 -11.20 17.67
N SER A 166 11.30 -12.14 18.43
CA SER A 166 10.46 -12.95 19.33
C SER A 166 10.10 -12.17 20.59
N CYS A 167 10.94 -11.23 21.03
CA CYS A 167 10.66 -10.52 22.28
CA CYS A 167 10.71 -10.48 22.27
C CYS A 167 9.80 -9.27 22.06
N GLY A 168 9.87 -8.71 20.85
CA GLY A 168 9.18 -7.48 20.55
C GLY A 168 7.85 -7.74 19.87
N THR A 169 7.49 -6.82 18.97
CA THR A 169 6.29 -6.91 18.18
C THR A 169 6.71 -7.19 16.72
N HIS A 170 6.15 -8.19 16.08
CA HIS A 170 6.56 -8.44 14.68
C HIS A 170 5.36 -8.82 13.83
N ALA A 171 5.44 -8.57 12.52
CA ALA A 171 4.43 -9.04 11.58
C ALA A 171 5.08 -10.20 10.79
N PRO A 172 4.28 -11.13 10.26
CA PRO A 172 4.87 -12.24 9.45
C PRO A 172 5.51 -11.64 8.16
N TYR A 173 5.01 -10.49 7.71
CA TYR A 173 5.67 -9.69 6.67
C TYR A 173 5.04 -8.32 6.61
N MET A 174 5.72 -7.43 5.86
CA MET A 174 5.27 -6.10 5.65
C MET A 174 5.24 -5.89 4.14
N ARG A 175 4.14 -5.33 3.66
CA ARG A 175 3.96 -5.07 2.23
C ARG A 175 4.63 -3.79 1.79
N PRO A 176 5.54 -3.89 0.80
CA PRO A 176 6.14 -2.67 0.25
C PRO A 176 5.17 -1.95 -0.66
N VAL A 177 5.59 -0.80 -1.20
CA VAL A 177 4.79 -0.11 -2.22
C VAL A 177 5.36 -0.49 -3.62
N TYR A 178 4.57 -0.25 -4.64
CA TYR A 178 4.98 -0.50 -6.01
C TYR A 178 5.56 0.79 -6.59
N PRO A 179 6.64 0.71 -7.39
CA PRO A 179 7.43 -0.49 -7.70
C PRO A 179 8.29 -0.89 -6.50
N THR A 180 8.55 -2.18 -6.38
CA THR A 180 9.21 -2.68 -5.18
C THR A 180 10.72 -2.51 -5.37
N LYS A 181 11.10 -1.23 -5.52
CA LYS A 181 12.49 -0.78 -5.64
C LYS A 181 12.90 0.03 -4.39
N THR A 182 14.19 0.28 -4.24
CA THR A 182 14.73 0.92 -3.05
C THR A 182 14.32 2.35 -2.83
N PHE A 183 14.52 3.19 -3.83
CA PHE A 183 14.26 4.61 -3.62
C PHE A 183 12.78 4.87 -3.30
N PRO A 184 11.84 4.29 -4.07
CA PRO A 184 10.43 4.52 -3.76
C PRO A 184 10.08 4.02 -2.37
N ASN A 185 10.59 2.84 -2.00
CA ASN A 185 10.18 2.28 -0.70
C ASN A 185 10.80 2.97 0.53
N LEU A 186 12.08 3.31 0.48
CA LEU A 186 12.69 4.00 1.63
C LEU A 186 12.01 5.36 1.78
N TYR A 187 11.74 6.05 0.69
CA TYR A 187 11.13 7.37 0.81
C TYR A 187 9.62 7.28 1.23
N THR A 188 8.93 6.24 0.79
CA THR A 188 7.59 5.92 1.36
C THR A 188 7.67 5.63 2.87
N LEU A 189 8.67 4.84 3.31
CA LEU A 189 8.83 4.63 4.76
C LEU A 189 8.94 5.96 5.50
N ALA A 190 9.70 6.89 4.95
CA ALA A 190 9.97 8.17 5.60
C ALA A 190 8.82 9.15 5.56
N THR A 191 7.91 9.00 4.59
CA THR A 191 6.88 10.05 4.35
C THR A 191 5.44 9.59 4.61
N GLY A 192 5.21 8.29 4.63
CA GLY A 192 3.82 7.78 4.68
C GLY A 192 3.10 7.93 3.35
N LEU A 193 3.82 8.25 2.28
CA LEU A 193 3.14 8.57 1.02
C LEU A 193 3.33 7.53 -0.07
N TYR A 194 2.30 7.33 -0.91
CA TYR A 194 2.51 6.53 -2.14
C TYR A 194 3.58 7.27 -3.02
N PRO A 195 4.42 6.53 -3.71
CA PRO A 195 5.37 7.13 -4.68
C PRO A 195 4.76 8.15 -5.64
N GLU A 196 3.52 7.95 -6.09
CA GLU A 196 2.90 8.91 -7.00
C GLU A 196 2.74 10.26 -6.29
N SER A 197 2.66 10.27 -4.96
CA SER A 197 2.48 11.53 -4.27
C SER A 197 3.81 12.13 -3.81
N HIS A 198 4.75 11.30 -3.33
CA HIS A 198 6.04 11.80 -2.95
C HIS A 198 6.99 12.06 -4.15
N GLY A 199 6.68 11.50 -5.33
CA GLY A 199 7.42 11.90 -6.53
C GLY A 199 8.57 10.96 -6.89
N ILE A 200 9.00 10.12 -5.94
CA ILE A 200 10.08 9.18 -6.24
C ILE A 200 9.46 7.87 -6.78
N VAL A 201 9.14 7.85 -8.08
CA VAL A 201 8.27 6.81 -8.68
C VAL A 201 9.07 5.65 -9.28
N GLY A 202 10.38 5.76 -9.25
CA GLY A 202 11.24 4.63 -9.59
C GLY A 202 12.67 4.96 -9.15
N ASN A 203 13.60 4.05 -9.45
CA ASN A 203 15.02 4.33 -9.21
C ASN A 203 15.54 5.25 -10.32
N SER A 204 14.84 5.24 -11.47
CA SER A 204 15.17 6.09 -12.63
C SER A 204 13.91 6.88 -13.10
N MET A 205 14.03 8.19 -13.41
CA MET A 205 12.85 8.99 -13.77
C MET A 205 13.15 10.13 -14.72
N TYR A 206 12.18 10.48 -15.56
CA TYR A 206 12.26 11.66 -16.40
C TYR A 206 11.10 12.54 -15.98
N ASP A 207 11.35 13.80 -15.66
CA ASP A 207 10.26 14.72 -15.38
C ASP A 207 10.14 15.70 -16.58
N PRO A 208 9.04 15.62 -17.33
CA PRO A 208 8.86 16.43 -18.54
C PRO A 208 8.74 17.94 -18.29
N VAL A 209 8.32 18.34 -17.10
CA VAL A 209 8.20 19.77 -16.75
C VAL A 209 9.57 20.37 -16.48
N PHE A 210 10.38 19.63 -15.73
CA PHE A 210 11.74 20.05 -15.46
C PHE A 210 12.54 19.82 -16.72
N ASP A 211 12.10 18.87 -17.56
CA ASP A 211 12.99 18.29 -18.56
C ASP A 211 14.28 17.90 -17.84
N ALA A 212 14.17 17.01 -16.87
CA ALA A 212 15.38 16.57 -16.16
C ALA A 212 15.25 15.08 -15.84
N SER A 213 16.37 14.37 -15.81
CA SER A 213 16.38 12.94 -15.47
C SER A 213 16.98 12.68 -14.09
N PHE A 214 16.40 11.72 -13.38
CA PHE A 214 16.83 11.34 -12.05
C PHE A 214 17.45 9.95 -12.23
N HIS A 215 18.65 9.76 -11.69
CA HIS A 215 19.36 8.48 -11.82
C HIS A 215 20.00 8.10 -10.49
N LEU A 216 20.21 6.81 -10.30
CA LEU A 216 20.90 6.28 -9.12
C LEU A 216 22.30 6.88 -9.00
N ARG A 217 23.03 6.93 -10.11
CA ARG A 217 24.36 7.56 -10.17
C ARG A 217 24.25 9.04 -10.57
N GLY A 218 25.05 9.89 -9.94
CA GLY A 218 25.14 11.28 -10.38
C GLY A 218 24.42 12.26 -9.50
N ARG A 219 24.38 13.51 -9.95
CA ARG A 219 24.07 14.65 -9.08
C ARG A 219 22.63 15.20 -9.14
N GLU A 220 21.87 14.88 -10.19
CA GLU A 220 20.50 15.42 -10.32
C GLU A 220 19.60 15.02 -9.12
N LYS A 221 19.75 13.78 -8.67
CA LYS A 221 19.03 13.23 -7.49
C LYS A 221 19.23 13.99 -6.18
N PHE A 222 20.24 14.86 -6.10
CA PHE A 222 20.46 15.65 -4.89
C PHE A 222 19.61 16.89 -4.89
N ASN A 223 18.98 17.18 -6.03
CA ASN A 223 18.19 18.39 -6.13
C ASN A 223 16.86 18.15 -5.39
N HIS A 224 16.56 19.00 -4.43
CA HIS A 224 15.39 18.86 -3.56
C HIS A 224 14.04 18.85 -4.30
N ARG A 225 14.00 19.34 -5.54
CA ARG A 225 12.74 19.33 -6.31
C ARG A 225 12.18 17.93 -6.64
N TRP A 226 13.02 16.90 -6.69
CA TRP A 226 12.50 15.52 -6.85
C TRP A 226 11.68 15.00 -5.64
N TRP A 227 12.03 15.44 -4.44
CA TRP A 227 11.58 14.81 -3.21
C TRP A 227 10.42 15.57 -2.59
N GLY A 228 9.19 15.07 -2.77
CA GLY A 228 8.01 15.75 -2.25
C GLY A 228 7.61 15.23 -0.86
N GLY A 229 6.45 15.67 -0.39
CA GLY A 229 5.98 15.30 0.94
C GLY A 229 6.87 15.87 2.03
N GLN A 230 6.76 15.32 3.23
CA GLN A 230 7.57 15.77 4.33
C GLN A 230 8.07 14.55 5.09
N PRO A 231 9.34 14.20 4.90
CA PRO A 231 9.93 13.02 5.57
C PRO A 231 10.12 13.21 7.07
N LEU A 232 10.24 12.08 7.79
CA LEU A 232 10.19 12.06 9.23
C LEU A 232 11.25 12.99 9.83
N TRP A 233 12.45 13.04 9.26
CA TRP A 233 13.46 13.95 9.83
C TRP A 233 13.05 15.43 9.76
N ILE A 234 12.28 15.82 8.73
CA ILE A 234 11.79 17.22 8.59
C ILE A 234 10.63 17.42 9.53
N THR A 235 9.76 16.41 9.63
CA THR A 235 8.65 16.47 10.58
C THR A 235 9.15 16.69 12.00
N ALA A 236 10.17 15.92 12.38
CA ALA A 236 10.75 16.01 13.71
C ALA A 236 11.30 17.44 13.95
N THR A 237 12.16 17.88 13.03
CA THR A 237 12.89 19.16 13.12
C THR A 237 11.91 20.30 13.25
N LYS A 238 10.88 20.31 12.42
CA LYS A 238 9.85 21.37 12.48
C LYS A 238 9.14 21.42 13.81
N GLN A 239 9.08 20.28 14.50
CA GLN A 239 8.41 20.21 15.77
C GLN A 239 9.35 20.17 16.95
N GLY A 240 10.59 20.57 16.75
CA GLY A 240 11.52 20.72 17.85
C GLY A 240 12.12 19.41 18.35
N VAL A 241 12.01 18.34 17.55
CA VAL A 241 12.65 17.07 17.86
C VAL A 241 13.86 16.92 16.94
N ARG A 242 15.05 16.81 17.50
CA ARG A 242 16.28 16.74 16.74
C ARG A 242 16.45 15.37 16.08
N ALA A 243 17.00 15.36 14.86
CA ALA A 243 17.15 14.11 14.14
C ALA A 243 18.61 13.90 13.75
N GLY A 244 19.09 12.67 13.89
CA GLY A 244 20.34 12.21 13.21
C GLY A 244 20.08 12.24 11.70
N THR A 245 21.13 12.28 10.88
CA THR A 245 20.85 12.31 9.43
C THR A 245 20.61 10.86 8.97
N PHE A 246 19.66 10.63 8.06
CA PHE A 246 19.19 9.28 7.69
C PHE A 246 19.97 8.64 6.52
N PHE A 247 20.94 9.35 6.00
CA PHE A 247 21.64 8.90 4.78
C PHE A 247 23.10 8.71 5.14
N TRP A 248 23.72 7.61 4.71
CA TRP A 248 25.14 7.36 4.98
C TRP A 248 25.85 7.12 3.65
N SER A 249 26.96 7.80 3.41
CA SER A 249 27.77 7.54 2.21
C SER A 249 28.17 6.06 2.19
N VAL A 250 28.08 5.45 1.00
CA VAL A 250 28.19 3.97 0.84
C VAL A 250 29.52 3.41 1.39
N SER A 251 30.60 4.18 1.27
CA SER A 251 31.93 3.69 1.65
C SER A 251 32.16 3.76 3.16
N ILE A 252 31.26 4.42 3.90
CA ILE A 252 31.39 4.42 5.38
C ILE A 252 30.99 3.04 5.89
N PRO A 253 31.91 2.31 6.56
CA PRO A 253 31.56 0.94 6.93
C PRO A 253 30.46 0.86 7.98
N HIS A 254 29.72 -0.24 8.01
CA HIS A 254 28.63 -0.39 8.99
C HIS A 254 29.03 -0.18 10.45
N GLU A 255 30.20 -0.70 10.82
CA GLU A 255 30.69 -0.56 12.17
C GLU A 255 30.84 0.91 12.56
N ARG A 256 31.19 1.74 11.59
CA ARG A 256 31.41 3.18 11.83
C ARG A 256 30.08 3.92 11.94
N ARG A 257 29.08 3.49 11.15
CA ARG A 257 27.75 4.05 11.24
C ARG A 257 27.19 3.83 12.64
N ILE A 258 27.29 2.60 13.14
CA ILE A 258 26.78 2.21 14.45
C ILE A 258 27.53 3.01 15.54
N LEU A 259 28.84 3.02 15.49
CA LEU A 259 29.63 3.80 16.44
C LEU A 259 29.22 5.28 16.46
N THR A 260 28.98 5.85 15.28
CA THR A 260 28.59 7.24 15.17
C THR A 260 27.21 7.49 15.84
N ILE A 261 26.23 6.62 15.58
CA ILE A 261 24.92 6.67 16.29
C ILE A 261 25.07 6.62 17.80
N LEU A 262 25.92 5.72 18.27
CA LEU A 262 26.15 5.55 19.69
C LEU A 262 26.84 6.78 20.32
N GLN A 263 27.75 7.41 19.58
CA GLN A 263 28.37 8.67 20.03
C GLN A 263 27.34 9.79 20.11
N TRP A 264 26.47 9.88 19.10
CA TRP A 264 25.42 10.91 19.07
C TRP A 264 24.51 10.74 20.26
N LEU A 265 24.31 9.50 20.66
CA LEU A 265 23.49 9.20 21.83
C LEU A 265 24.14 9.59 23.16
N SER A 266 25.42 9.94 23.12
CA SER A 266 26.13 10.45 24.30
C SER A 266 26.27 11.97 24.27
N LEU A 267 25.71 12.64 23.28
CA LEU A 267 25.70 14.10 23.30
C LEU A 267 24.91 14.63 24.50
N PRO A 268 25.15 15.91 24.88
CA PRO A 268 24.36 16.57 25.92
C PRO A 268 22.91 16.66 25.49
N ASP A 269 22.01 16.62 26.48
CA ASP A 269 20.56 16.63 26.28
C ASP A 269 20.08 17.61 25.21
N ASN A 270 20.56 18.86 25.30
CA ASN A 270 20.17 19.90 24.34
C ASN A 270 20.65 19.69 22.90
N GLU A 271 21.62 18.81 22.69
CA GLU A 271 22.19 18.61 21.35
C GLU A 271 21.85 17.22 20.80
N ARG A 272 21.40 16.31 21.65
CA ARG A 272 21.31 14.90 21.27
C ARG A 272 20.05 14.65 20.42
N PRO A 273 20.19 13.98 19.24
CA PRO A 273 18.94 13.65 18.53
C PRO A 273 18.05 12.66 19.26
N SER A 274 16.77 12.68 18.95
CA SER A 274 15.83 11.65 19.43
C SER A 274 15.50 10.61 18.37
N VAL A 275 15.82 10.85 17.11
CA VAL A 275 15.51 9.85 16.07
C VAL A 275 16.77 9.68 15.20
N TYR A 276 17.03 8.41 14.86
CA TYR A 276 18.22 7.96 14.13
C TYR A 276 17.80 6.94 13.10
N ALA A 277 18.61 6.84 12.02
CA ALA A 277 18.44 5.75 11.05
C ALA A 277 19.78 5.14 10.68
N PHE A 278 19.77 3.83 10.51
CA PHE A 278 20.90 3.08 9.99
C PHE A 278 20.37 2.44 8.71
N TYR A 279 21.19 2.35 7.68
CA TYR A 279 20.78 1.68 6.47
C TYR A 279 21.87 0.71 6.07
N SER A 280 21.45 -0.49 5.69
CA SER A 280 22.37 -1.49 5.18
C SER A 280 22.04 -1.84 3.73
N GLU A 281 23.06 -1.76 2.86
CA GLU A 281 23.01 -2.19 1.44
C GLU A 281 22.82 -3.71 1.24
N GLN A 282 23.07 -4.47 2.31
CA GLN A 282 22.88 -5.92 2.39
C GLN A 282 21.53 -6.26 3.11
N PRO A 283 20.90 -7.41 2.78
CA PRO A 283 21.44 -8.45 1.88
C PRO A 283 21.20 -8.20 0.37
N ASP A 284 20.59 -7.08 0.00
CA ASP A 284 20.25 -6.80 -1.41
C ASP A 284 21.46 -6.99 -2.36
N PHE A 285 22.60 -6.46 -1.94
CA PHE A 285 23.77 -6.45 -2.79
C PHE A 285 24.15 -7.88 -3.21
N SER A 286 24.29 -8.75 -2.24
CA SER A 286 24.52 -10.17 -2.53
C SER A 286 23.33 -10.86 -3.22
N GLY A 287 22.09 -10.54 -2.81
CA GLY A 287 20.87 -11.16 -3.42
C GLY A 287 20.83 -10.91 -4.93
N HIS A 288 21.26 -9.74 -5.40
CA HIS A 288 21.26 -9.53 -6.84
C HIS A 288 22.23 -10.54 -7.51
N LYS A 289 23.38 -10.78 -6.87
CA LYS A 289 24.43 -11.63 -7.49
C LYS A 289 24.12 -13.10 -7.39
N TYR A 290 23.51 -13.51 -6.27
CA TYR A 290 23.40 -14.96 -5.98
C TYR A 290 22.00 -15.47 -5.91
N GLY A 291 21.00 -14.57 -6.04
CA GLY A 291 19.61 -14.98 -5.88
C GLY A 291 19.19 -14.96 -4.42
N PRO A 292 17.88 -14.96 -4.15
CA PRO A 292 17.46 -14.75 -2.77
C PRO A 292 17.95 -15.81 -1.82
N PHE A 293 18.08 -17.06 -2.28
CA PHE A 293 18.52 -18.16 -1.38
C PHE A 293 19.81 -18.86 -1.79
N GLY A 294 20.59 -18.20 -2.65
CA GLY A 294 21.94 -18.66 -2.99
C GLY A 294 22.71 -19.02 -1.73
N PRO A 295 23.54 -20.07 -1.77
CA PRO A 295 24.32 -20.46 -0.58
C PRO A 295 25.23 -19.34 -0.09
N GLU A 296 25.61 -18.46 -1.01
CA GLU A 296 26.38 -17.26 -0.63
C GLU A 296 25.59 -16.24 0.23
N MET A 297 24.30 -16.47 0.45
CA MET A 297 23.50 -15.49 1.19
C MET A 297 23.62 -15.64 2.70
N THR A 298 24.17 -16.75 3.17
CA THR A 298 24.20 -17.03 4.60
C THR A 298 25.10 -15.98 5.26
N ASN A 299 26.27 -15.77 4.65
CA ASN A 299 27.23 -14.82 5.21
C ASN A 299 26.70 -13.39 5.35
N PRO A 300 26.09 -12.83 4.30
CA PRO A 300 25.51 -11.49 4.45
C PRO A 300 24.49 -11.42 5.60
N LEU A 301 23.72 -12.50 5.84
CA LEU A 301 22.73 -12.48 6.91
C LEU A 301 23.39 -12.54 8.27
N ARG A 302 24.44 -13.36 8.39
CA ARG A 302 25.26 -13.39 9.61
C ARG A 302 25.83 -12.01 9.88
N GLU A 303 26.31 -11.36 8.83
CA GLU A 303 26.98 -10.06 9.02
C GLU A 303 25.98 -8.98 9.47
N ILE A 304 24.78 -8.97 8.90
CA ILE A 304 23.75 -8.02 9.35
C ILE A 304 23.39 -8.28 10.80
N ASP A 305 23.24 -9.56 11.14
CA ASP A 305 22.96 -9.90 12.50
C ASP A 305 24.03 -9.42 13.49
N LYS A 306 25.29 -9.53 13.09
CA LYS A 306 26.41 -9.07 13.92
C LYS A 306 26.28 -7.57 14.13
N THR A 307 25.90 -6.83 13.08
CA THR A 307 25.71 -5.38 13.17
C THR A 307 24.62 -5.00 14.18
N VAL A 308 23.51 -5.74 14.14
CA VAL A 308 22.43 -5.55 15.10
C VAL A 308 22.96 -5.81 16.51
N GLY A 309 23.77 -6.86 16.66
CA GLY A 309 24.33 -7.21 17.98
C GLY A 309 25.22 -6.10 18.53
N GLN A 310 25.99 -5.48 17.62
CA GLN A 310 26.89 -4.36 17.99
C GLN A 310 26.05 -3.17 18.50
N LEU A 311 24.95 -2.90 17.82
CA LEU A 311 24.09 -1.81 18.24
C LEU A 311 23.47 -2.13 19.60
N MET A 312 22.89 -3.30 19.77
CA MET A 312 22.29 -3.62 21.07
C MET A 312 23.31 -3.69 22.20
N ASP A 313 24.50 -4.24 21.96
CA ASP A 313 25.52 -4.23 23.02
C ASP A 313 25.91 -2.79 23.32
N GLY A 314 25.99 -1.96 22.29
CA GLY A 314 26.36 -0.55 22.50
C GLY A 314 25.28 0.17 23.29
N LEU A 315 24.01 -0.14 23.01
CA LEU A 315 22.90 0.48 23.75
C LEU A 315 22.97 -0.03 25.20
N LYS A 316 23.17 -1.33 25.39
CA LYS A 316 23.29 -1.89 26.74
C LYS A 316 24.39 -1.19 27.59
N GLN A 317 25.60 -0.99 27.03
CA GLN A 317 26.67 -0.21 27.69
C GLN A 317 26.21 1.17 28.09
N LEU A 318 25.38 1.79 27.27
CA LEU A 318 24.96 3.14 27.56
C LEU A 318 23.71 3.13 28.45
N ARG A 319 23.31 1.94 28.92
CA ARG A 319 22.09 1.83 29.72
C ARG A 319 20.84 2.32 28.93
N LEU A 320 20.79 2.03 27.62
CA LEU A 320 19.72 2.53 26.75
C LEU A 320 18.91 1.39 26.16
N HIS A 321 19.28 0.16 26.48
CA HIS A 321 18.68 -1.01 25.84
C HIS A 321 17.25 -1.30 26.27
N ARG A 322 16.80 -0.68 27.37
CA ARG A 322 15.38 -0.73 27.79
C ARG A 322 14.74 0.68 27.78
N CYS A 323 15.28 1.52 26.91
CA CYS A 323 14.88 2.90 26.76
C CYS A 323 14.54 3.21 25.29
N VAL A 324 15.37 2.74 24.35
CA VAL A 324 15.23 3.01 22.91
C VAL A 324 14.18 2.11 22.23
N ASN A 325 13.34 2.71 21.36
CA ASN A 325 12.53 1.91 20.47
C ASN A 325 13.31 1.67 19.19
N VAL A 326 13.43 0.39 18.83
CA VAL A 326 14.18 -0.03 17.67
C VAL A 326 13.20 -0.57 16.63
N ILE A 327 13.30 -0.08 15.40
CA ILE A 327 12.50 -0.66 14.34
C ILE A 327 13.44 -1.31 13.35
N PHE A 328 13.23 -2.60 13.13
CA PHE A 328 14.00 -3.38 12.14
C PHE A 328 13.03 -3.57 10.96
N VAL A 329 13.41 -3.02 9.81
CA VAL A 329 12.48 -2.90 8.71
C VAL A 329 13.23 -3.01 7.39
N GLY A 330 12.61 -3.69 6.42
CA GLY A 330 13.19 -3.83 5.10
C GLY A 330 12.50 -2.94 4.08
N ASP A 331 13.13 -2.73 2.94
CA ASP A 331 12.47 -1.94 1.92
C ASP A 331 11.64 -2.82 0.92
N HIS A 332 12.11 -4.03 0.61
CA HIS A 332 11.44 -4.95 -0.35
C HIS A 332 12.17 -6.26 -0.24
N GLY A 333 11.64 -7.30 -0.89
CA GLY A 333 12.28 -8.61 -0.92
C GLY A 333 13.19 -8.73 -2.15
N MET A 334 13.27 -9.97 -2.64
CA MET A 334 14.18 -10.36 -3.71
C MET A 334 13.66 -11.65 -4.32
N GLU A 335 13.68 -11.70 -5.66
CA GLU A 335 13.14 -12.85 -6.42
C GLU A 335 14.27 -13.43 -7.31
N ASP A 336 14.15 -14.69 -7.71
CA ASP A 336 15.07 -15.30 -8.71
C ASP A 336 14.76 -14.80 -10.08
N VAL A 337 15.73 -14.14 -10.69
CA VAL A 337 15.59 -13.50 -12.00
C VAL A 337 16.92 -13.71 -12.67
N THR A 338 16.91 -14.24 -13.90
CA THR A 338 18.14 -14.39 -14.69
C THR A 338 17.99 -13.82 -16.11
N CYS A 339 19.14 -13.60 -16.75
CA CYS A 339 19.26 -12.99 -18.11
C CYS A 339 18.42 -13.69 -19.15
N ASP A 340 18.34 -15.01 -19.06
CA ASP A 340 17.57 -15.77 -20.03
C ASP A 340 16.07 -15.56 -19.90
N ARG A 341 15.59 -15.09 -18.74
CA ARG A 341 14.14 -14.81 -18.64
C ARG A 341 13.90 -13.33 -18.90
N THR A 342 14.13 -12.91 -20.15
CA THR A 342 13.97 -11.54 -20.54
C THR A 342 13.10 -11.57 -21.78
N GLU A 343 12.01 -10.81 -21.78
CA GLU A 343 11.21 -10.59 -22.98
C GLU A 343 11.78 -9.36 -23.69
N PHE A 344 11.80 -9.37 -25.03
CA PHE A 344 12.32 -8.22 -25.74
C PHE A 344 11.25 -7.53 -26.56
N LEU A 345 11.12 -6.22 -26.38
CA LEU A 345 10.10 -5.50 -27.13
C LEU A 345 10.31 -5.59 -28.64
N SER A 346 11.58 -5.77 -29.04
CA SER A 346 11.91 -5.92 -30.46
C SER A 346 11.26 -7.19 -31.02
N ASN A 347 10.81 -8.10 -30.16
CA ASN A 347 10.03 -9.25 -30.68
C ASN A 347 8.53 -8.99 -30.88
N TYR A 348 8.11 -7.74 -30.62
CA TYR A 348 6.71 -7.39 -30.70
C TYR A 348 6.47 -6.18 -31.58
N LEU A 349 7.34 -5.18 -31.45
CA LEU A 349 7.17 -3.90 -32.10
C LEU A 349 8.09 -3.88 -33.32
N THR A 350 7.61 -3.30 -34.42
CA THR A 350 8.51 -3.07 -35.57
C THR A 350 9.28 -1.75 -35.39
N ASN A 351 8.61 -0.76 -34.81
CA ASN A 351 9.19 0.58 -34.58
C ASN A 351 9.96 0.75 -33.26
N VAL A 352 10.70 -0.26 -32.82
CA VAL A 352 11.35 -0.21 -31.50
C VAL A 352 12.28 1.01 -31.26
N ASP A 353 12.87 1.56 -32.32
CA ASP A 353 13.79 2.71 -32.17
C ASP A 353 13.12 4.04 -31.90
N ASP A 354 11.79 4.07 -32.03
CA ASP A 354 11.01 5.26 -31.77
C ASP A 354 10.54 5.35 -30.29
N ILE A 355 10.90 4.38 -29.46
CA ILE A 355 10.54 4.42 -28.03
C ILE A 355 11.73 4.41 -27.10
N THR A 356 11.48 4.94 -25.90
CA THR A 356 12.38 4.89 -24.76
C THR A 356 11.68 3.98 -23.77
N LEU A 357 12.37 2.92 -23.33
CA LEU A 357 11.89 2.05 -22.27
C LEU A 357 12.75 2.21 -21.02
N VAL A 358 12.10 2.46 -19.88
CA VAL A 358 12.66 2.10 -18.56
C VAL A 358 12.41 0.59 -18.38
N PRO A 359 13.49 -0.22 -18.40
CA PRO A 359 13.45 -1.66 -18.45
C PRO A 359 13.56 -2.38 -17.10
N GLY A 360 13.38 -3.69 -17.12
CA GLY A 360 13.72 -4.55 -15.98
C GLY A 360 12.51 -5.25 -15.45
N THR A 361 12.26 -5.10 -14.15
CA THR A 361 11.16 -5.85 -13.49
C THR A 361 9.84 -5.06 -13.60
N LEU A 362 9.89 -3.96 -14.32
CA LEU A 362 8.66 -3.24 -14.75
C LEU A 362 9.04 -2.55 -16.04
N GLY A 363 8.06 -2.11 -16.81
CA GLY A 363 8.39 -1.39 -18.03
C GLY A 363 7.67 -0.08 -17.99
N ARG A 364 8.34 1.00 -18.42
CA ARG A 364 7.68 2.29 -18.65
C ARG A 364 8.15 2.78 -20.02
N ILE A 365 7.18 3.07 -20.88
CA ILE A 365 7.44 3.42 -22.29
C ILE A 365 7.00 4.84 -22.59
N ARG A 366 7.86 5.60 -23.28
CA ARG A 366 7.40 6.85 -23.85
C ARG A 366 8.08 7.03 -25.21
N ALA A 367 7.71 8.10 -25.93
CA ALA A 367 8.29 8.36 -27.26
C ALA A 367 9.73 8.76 -27.08
N LYS A 368 10.61 8.29 -27.95
CA LYS A 368 12.00 8.74 -27.97
C LYS A 368 12.07 10.24 -28.24
N SER A 369 11.26 10.73 -29.17
CA SER A 369 11.26 12.15 -29.51
C SER A 369 9.85 12.75 -29.49
N ILE A 370 9.68 13.88 -28.80
CA ILE A 370 8.40 14.62 -28.77
C ILE A 370 8.03 15.24 -30.13
N ASN A 371 9.02 15.32 -31.03
CA ASN A 371 8.82 15.85 -32.38
C ASN A 371 8.30 14.81 -33.37
N ASN A 372 8.30 13.54 -32.97
CA ASN A 372 7.79 12.45 -33.81
C ASN A 372 6.27 12.26 -33.63
N SER A 373 5.50 12.87 -34.52
CA SER A 373 4.03 12.84 -34.45
C SER A 373 3.45 11.55 -35.04
N LYS A 374 4.33 10.71 -35.55
CA LYS A 374 3.95 9.40 -36.08
C LYS A 374 3.73 8.39 -34.93
N TYR A 375 4.48 8.58 -33.83
CA TYR A 375 4.34 7.77 -32.60
C TYR A 375 2.89 7.70 -32.12
N ASP A 376 2.44 6.50 -31.74
CA ASP A 376 1.04 6.23 -31.35
C ASP A 376 0.92 5.20 -30.20
N PRO A 377 0.54 5.66 -28.99
CA PRO A 377 0.47 4.77 -27.83
C PRO A 377 -0.60 3.68 -27.98
N LYS A 378 -1.68 3.99 -28.69
CA LYS A 378 -2.74 3.01 -28.87
C LYS A 378 -2.24 1.81 -29.66
N THR A 379 -1.44 2.09 -30.70
CA THR A 379 -0.92 0.98 -31.51
C THR A 379 0.25 0.25 -30.83
N ILE A 380 1.03 0.96 -30.01
CA ILE A 380 2.06 0.30 -29.19
C ILE A 380 1.40 -0.70 -28.21
N ILE A 381 0.41 -0.24 -27.47
CA ILE A 381 -0.28 -1.14 -26.55
C ILE A 381 -0.85 -2.37 -27.27
N ALA A 382 -1.47 -2.17 -28.42
CA ALA A 382 -2.08 -3.31 -29.13
C ALA A 382 -1.02 -4.32 -29.61
N ALA A 383 0.15 -3.84 -30.06
CA ALA A 383 1.20 -4.76 -30.52
C ALA A 383 1.79 -5.54 -29.35
N LEU A 384 1.53 -5.06 -28.13
CA LEU A 384 2.07 -5.68 -26.89
C LEU A 384 1.05 -6.55 -26.16
N THR A 385 -0.19 -6.58 -26.65
CA THR A 385 -1.31 -7.25 -25.98
C THR A 385 -1.59 -8.64 -26.47
N CYS A 386 -1.44 -9.61 -25.55
CA CYS A 386 -1.71 -11.04 -25.76
C CYS A 386 -1.17 -11.62 -27.08
N LYS A 387 0.07 -11.26 -27.41
CA LYS A 387 0.66 -11.62 -28.68
C LYS A 387 1.34 -12.98 -28.74
N LYS A 388 1.81 -13.45 -27.59
CA LYS A 388 2.49 -14.73 -27.48
C LYS A 388 1.80 -15.54 -26.37
N PRO A 389 1.67 -16.87 -26.54
CA PRO A 389 0.90 -17.73 -25.63
C PRO A 389 1.24 -17.59 -24.14
N ASP A 390 2.53 -17.57 -23.80
CA ASP A 390 2.89 -17.41 -22.38
C ASP A 390 3.60 -16.09 -22.08
N GLN A 391 3.18 -15.04 -22.78
CA GLN A 391 3.74 -13.69 -22.68
C GLN A 391 4.01 -13.35 -21.19
N HIS A 392 5.20 -12.88 -20.83
CA HIS A 392 5.50 -12.71 -19.37
C HIS A 392 5.46 -11.24 -18.89
N PHE A 393 4.72 -10.40 -19.62
CA PHE A 393 4.42 -9.05 -19.18
C PHE A 393 3.07 -8.68 -19.80
N LYS A 394 2.43 -7.68 -19.22
CA LYS A 394 1.12 -7.24 -19.69
C LYS A 394 1.16 -5.71 -19.75
N PRO A 395 0.83 -5.14 -20.91
CA PRO A 395 0.78 -3.72 -21.08
C PRO A 395 -0.49 -3.11 -20.53
N TYR A 396 -0.34 -1.91 -20.01
CA TYR A 396 -1.47 -1.12 -19.52
C TYR A 396 -1.28 0.35 -19.80
N MET A 397 -2.37 1.06 -20.09
CA MET A 397 -2.36 2.51 -19.86
CA MET A 397 -2.38 2.50 -19.85
C MET A 397 -2.33 2.65 -18.33
N LYS A 398 -1.55 3.62 -17.83
CA LYS A 398 -1.37 3.70 -16.36
C LYS A 398 -2.70 3.79 -15.57
N GLN A 399 -3.70 4.47 -16.13
CA GLN A 399 -4.98 4.61 -15.44
C GLN A 399 -5.75 3.29 -15.34
N HIS A 400 -5.35 2.29 -16.10
CA HIS A 400 -5.97 0.98 -16.03
C HIS A 400 -5.25 0.00 -15.11
N LEU A 401 -4.07 0.38 -14.59
CA LEU A 401 -3.39 -0.48 -13.61
C LEU A 401 -4.33 -0.72 -12.39
N PRO A 402 -4.28 -1.90 -11.77
CA PRO A 402 -5.04 -2.16 -10.51
C PRO A 402 -4.92 -0.93 -9.61
N LYS A 403 -6.04 -0.44 -9.13
CA LYS A 403 -6.08 0.72 -8.27
C LYS A 403 -5.26 0.53 -6.98
N ARG A 404 -5.08 -0.73 -6.55
CA ARG A 404 -4.36 -0.99 -5.33
C ARG A 404 -2.89 -0.57 -5.40
N LEU A 405 -2.36 -0.48 -6.62
CA LEU A 405 -0.97 -0.05 -6.84
C LEU A 405 -0.79 1.44 -6.65
N HIS A 406 -1.87 2.20 -6.77
CA HIS A 406 -1.84 3.67 -6.64
C HIS A 406 -0.70 4.29 -7.44
N TYR A 407 -0.59 3.87 -8.70
CA TYR A 407 0.57 4.20 -9.53
C TYR A 407 0.20 4.88 -10.85
N ALA A 408 -0.26 6.12 -10.76
CA ALA A 408 -0.69 6.82 -11.95
C ALA A 408 -0.64 8.31 -11.87
N ASN A 409 -1.01 8.89 -10.71
CA ASN A 409 -1.17 10.34 -10.64
C ASN A 409 0.17 11.09 -10.46
N ASN A 410 1.05 10.96 -11.44
CA ASN A 410 2.31 11.70 -11.40
C ASN A 410 2.83 11.83 -12.85
N ARG A 411 3.20 13.03 -13.24
CA ARG A 411 3.74 13.27 -14.60
C ARG A 411 5.01 12.51 -14.88
N ARG A 412 5.68 12.04 -13.83
CA ARG A 412 6.88 11.23 -14.02
C ARG A 412 6.56 9.75 -14.31
N ILE A 413 5.30 9.38 -14.23
CA ILE A 413 4.91 8.02 -14.55
C ILE A 413 4.41 8.01 -16.00
N GLU A 414 5.06 7.23 -16.85
CA GLU A 414 4.74 7.29 -18.28
C GLU A 414 3.34 6.69 -18.47
N ASP A 415 2.65 7.14 -19.51
CA ASP A 415 1.29 6.63 -19.79
C ASP A 415 1.27 5.14 -20.02
N ILE A 416 2.30 4.61 -20.67
CA ILE A 416 2.34 3.19 -20.96
C ILE A 416 3.19 2.48 -19.93
N HIS A 417 2.59 1.46 -19.30
CA HIS A 417 3.27 0.69 -18.29
C HIS A 417 3.25 -0.81 -18.61
N LEU A 418 4.31 -1.53 -18.26
CA LEU A 418 4.31 -2.99 -18.42
C LEU A 418 4.43 -3.60 -17.05
N LEU A 419 3.44 -4.40 -16.67
CA LEU A 419 3.55 -5.19 -15.45
C LEU A 419 4.20 -6.50 -15.82
N VAL A 420 5.36 -6.73 -15.23
CA VAL A 420 6.19 -7.88 -15.60
C VAL A 420 5.94 -9.03 -14.64
N ASP A 421 5.80 -10.25 -15.17
CA ASP A 421 5.62 -11.43 -14.30
C ASP A 421 6.83 -11.62 -13.38
N ARG A 422 6.57 -12.14 -12.17
CA ARG A 422 7.65 -12.35 -11.23
C ARG A 422 8.60 -13.34 -11.92
N ARG A 423 9.90 -13.18 -11.67
CA ARG A 423 10.97 -14.04 -12.22
CA ARG A 423 10.98 -14.04 -12.21
C ARG A 423 11.44 -13.60 -13.61
N TRP A 424 10.79 -12.59 -14.17
CA TRP A 424 11.09 -12.07 -15.52
C TRP A 424 11.59 -10.64 -15.60
N HIS A 425 12.23 -10.33 -16.72
CA HIS A 425 12.56 -8.97 -17.10
C HIS A 425 11.96 -8.66 -18.46
N VAL A 426 11.81 -7.37 -18.73
CA VAL A 426 11.57 -6.85 -20.06
C VAL A 426 12.73 -5.93 -20.48
N ALA A 427 13.14 -6.00 -21.75
CA ALA A 427 14.15 -5.08 -22.26
C ALA A 427 13.71 -4.67 -23.68
N ARG A 428 14.34 -3.64 -24.22
CA ARG A 428 13.95 -3.14 -25.52
C ARG A 428 14.45 -4.09 -26.65
N LYS A 429 15.73 -4.42 -26.58
CA LYS A 429 16.42 -5.25 -27.60
CA LYS A 429 16.31 -5.33 -27.56
C LYS A 429 17.42 -6.16 -26.93
N PRO A 430 17.72 -7.35 -27.52
CA PRO A 430 18.69 -8.24 -26.84
C PRO A 430 20.05 -7.62 -26.52
N LEU A 431 20.50 -6.66 -27.34
CA LEU A 431 21.82 -6.04 -27.15
C LEU A 431 21.94 -5.32 -25.81
N ASP A 432 20.85 -4.73 -25.33
CA ASP A 432 20.74 -4.12 -23.99
C ASP A 432 21.12 -5.03 -22.81
N VAL A 433 20.83 -6.33 -22.93
CA VAL A 433 21.03 -7.31 -21.88
C VAL A 433 22.48 -7.85 -21.86
N TYR A 434 23.14 -7.93 -23.02
CA TYR A 434 24.52 -8.43 -23.07
C TYR A 434 25.60 -7.36 -23.39
N LYS A 435 25.18 -6.20 -23.92
CA LYS A 435 26.08 -5.06 -24.20
C LYS A 435 25.70 -3.79 -23.43
N LYS A 436 25.42 -3.91 -22.12
CA LYS A 436 25.22 -2.76 -21.23
C LYS A 436 26.05 -2.88 -19.95
N CYS A 441 25.98 -14.43 -17.92
CA CYS A 441 24.97 -13.71 -17.16
C CYS A 441 25.47 -13.32 -15.77
N PHE A 442 25.33 -12.04 -15.46
CA PHE A 442 25.72 -11.50 -14.16
C PHE A 442 24.75 -12.00 -13.06
N PHE A 443 23.55 -11.43 -13.05
CA PHE A 443 22.65 -11.43 -11.90
C PHE A 443 21.76 -12.65 -11.75
N GLN A 444 21.38 -12.96 -10.53
CA GLN A 444 20.49 -14.09 -10.23
C GLN A 444 19.27 -13.65 -9.42
N GLY A 445 19.26 -12.38 -9.00
CA GLY A 445 18.15 -11.86 -8.19
C GLY A 445 17.74 -10.49 -8.67
N ASP A 446 16.46 -10.15 -8.54
CA ASP A 446 16.04 -8.77 -8.74
C ASP A 446 14.70 -8.57 -8.04
N HIS A 447 14.21 -7.35 -8.09
CA HIS A 447 12.95 -7.01 -7.42
C HIS A 447 12.42 -5.80 -8.17
N GLY A 448 11.19 -5.42 -7.84
CA GLY A 448 10.53 -4.27 -8.49
C GLY A 448 9.11 -4.65 -8.92
N PHE A 449 8.80 -5.95 -8.87
CA PHE A 449 7.49 -6.48 -9.32
C PHE A 449 6.33 -5.97 -8.43
N ASP A 450 5.12 -6.26 -8.91
CA ASP A 450 3.83 -6.06 -8.20
C ASP A 450 3.99 -6.30 -6.70
N ASN A 451 3.57 -5.32 -5.87
CA ASN A 451 3.86 -5.42 -4.43
C ASN A 451 3.02 -6.45 -3.68
N LYS A 452 2.15 -7.17 -4.38
CA LYS A 452 1.43 -8.32 -3.81
CA LYS A 452 1.49 -8.30 -3.70
C LYS A 452 2.23 -9.64 -3.87
N VAL A 453 3.25 -9.67 -4.71
CA VAL A 453 4.09 -10.89 -4.90
C VAL A 453 4.82 -11.30 -3.63
N ASN A 454 4.75 -12.58 -3.26
CA ASN A 454 5.30 -13.08 -2.01
C ASN A 454 6.79 -12.80 -1.88
N SER A 455 7.54 -13.03 -2.97
CA SER A 455 8.98 -12.80 -2.88
C SER A 455 9.31 -11.33 -2.67
N MET A 456 8.37 -10.40 -2.96
CA MET A 456 8.66 -8.98 -2.75
C MET A 456 8.42 -8.47 -1.31
N GLN A 457 7.70 -9.26 -0.51
CA GLN A 457 7.36 -8.86 0.87
C GLN A 457 8.62 -8.73 1.70
N THR A 458 8.55 -7.85 2.70
CA THR A 458 9.73 -7.62 3.48
C THR A 458 9.38 -7.73 4.95
N VAL A 459 10.23 -7.17 5.82
CA VAL A 459 10.13 -7.44 7.27
C VAL A 459 9.76 -6.22 8.11
N PHE A 460 9.11 -6.49 9.23
CA PHE A 460 8.97 -5.52 10.32
C PHE A 460 9.06 -6.13 11.71
N VAL A 461 9.92 -5.55 12.55
CA VAL A 461 9.99 -5.90 13.98
C VAL A 461 10.05 -4.56 14.73
N GLY A 462 9.29 -4.42 15.81
CA GLY A 462 9.47 -3.22 16.66
C GLY A 462 9.80 -3.74 18.06
N TYR A 463 10.83 -3.17 18.66
CA TYR A 463 11.25 -3.62 19.97
C TYR A 463 11.46 -2.42 20.86
N GLY A 464 10.89 -2.41 22.07
CA GLY A 464 11.19 -1.26 22.94
C GLY A 464 10.05 -1.06 23.91
N PRO A 465 10.15 -0.04 24.78
CA PRO A 465 9.11 0.28 25.79
C PRO A 465 7.76 0.61 25.19
N THR A 466 7.73 1.20 23.99
CA THR A 466 6.48 1.66 23.40
C THR A 466 5.80 0.57 22.56
N PHE A 467 6.54 -0.45 22.12
CA PHE A 467 5.99 -1.61 21.40
C PHE A 467 5.51 -2.67 22.36
N LYS A 468 4.62 -3.52 21.91
CA LYS A 468 4.13 -4.63 22.74
C LYS A 468 5.17 -5.73 22.91
N TYR A 469 4.97 -6.54 23.94
CA TYR A 469 5.90 -7.62 24.32
C TYR A 469 5.47 -8.93 23.70
N ARG A 470 6.37 -9.67 23.04
CA ARG A 470 6.08 -11.00 22.40
C ARG A 470 4.77 -11.04 21.64
N THR A 471 4.55 -10.12 20.70
CA THR A 471 3.24 -9.96 20.12
C THR A 471 3.39 -10.09 18.62
N LYS A 472 2.54 -10.90 18.00
CA LYS A 472 2.49 -11.00 16.56
C LYS A 472 1.32 -10.17 16.07
N VAL A 473 1.53 -9.42 14.99
CA VAL A 473 0.46 -8.58 14.42
C VAL A 473 0.31 -9.03 12.98
N PRO A 474 -0.88 -8.89 12.41
CA PRO A 474 -1.07 -9.24 11.00
C PRO A 474 -0.20 -8.37 10.07
N PRO A 475 0.08 -8.86 8.85
CA PRO A 475 0.82 -8.09 7.82
C PRO A 475 0.17 -6.73 7.58
N PHE A 476 0.96 -5.70 7.25
CA PHE A 476 0.41 -4.36 7.06
C PHE A 476 1.35 -3.74 6.04
N GLU A 477 0.93 -2.61 5.49
CA GLU A 477 1.67 -1.91 4.46
C GLU A 477 2.62 -0.88 5.02
N ASN A 478 3.76 -0.71 4.34
CA ASN A 478 4.77 0.19 4.82
C ASN A 478 4.33 1.68 4.87
N ILE A 479 3.33 2.06 4.05
CA ILE A 479 2.74 3.44 4.14
C ILE A 479 2.20 3.77 5.52
N GLU A 480 1.95 2.74 6.34
CA GLU A 480 1.39 2.97 7.72
C GLU A 480 2.41 3.40 8.77
N LEU A 481 3.70 3.18 8.49
CA LEU A 481 4.72 3.31 9.52
C LEU A 481 5.04 4.73 9.90
N TYR A 482 4.98 5.64 8.95
CA TYR A 482 5.27 7.04 9.27
C TYR A 482 4.46 7.55 10.43
N ASN A 483 3.16 7.27 10.40
CA ASN A 483 2.24 7.69 11.47
C ASN A 483 2.74 7.15 12.84
N VAL A 484 3.11 5.88 12.84
CA VAL A 484 3.51 5.24 14.07
C VAL A 484 4.86 5.82 14.57
N MET A 485 5.79 6.08 13.63
CA MET A 485 7.07 6.67 14.01
C MET A 485 6.80 8.05 14.59
N CYS A 486 5.84 8.77 14.03
CA CYS A 486 5.45 10.07 14.58
C CYS A 486 4.87 9.93 16.00
N ASP A 487 3.98 8.97 16.20
CA ASP A 487 3.45 8.58 17.54
C ASP A 487 4.59 8.26 18.53
N LEU A 488 5.56 7.46 18.10
CA LEU A 488 6.72 7.10 18.94
C LEU A 488 7.51 8.28 19.43
N LEU A 489 7.47 9.36 18.66
CA LEU A 489 8.24 10.59 18.95
C LEU A 489 7.39 11.75 19.44
N GLY A 490 6.09 11.51 19.62
CA GLY A 490 5.12 12.59 19.96
C GLY A 490 4.99 13.70 18.91
N LEU A 491 5.08 13.35 17.62
CA LEU A 491 4.96 14.32 16.52
C LEU A 491 3.59 14.21 15.87
N LYS A 492 3.09 15.31 15.32
CA LYS A 492 1.89 15.31 14.53
C LYS A 492 2.33 14.95 13.09
N PRO A 493 1.78 13.86 12.53
CA PRO A 493 2.23 13.52 11.16
C PRO A 493 1.76 14.55 10.16
N ALA A 494 2.58 14.84 9.17
CA ALA A 494 2.11 15.58 8.01
C ALA A 494 1.03 14.74 7.29
N PRO A 495 0.19 15.38 6.46
CA PRO A 495 -0.89 14.61 5.77
C PRO A 495 -0.30 13.47 4.95
N ASN A 496 -0.80 12.26 5.14
CA ASN A 496 -0.14 11.15 4.43
C ASN A 496 -1.17 10.06 4.08
N ASN A 497 -0.70 8.94 3.54
CA ASN A 497 -1.59 7.87 3.02
C ASN A 497 -1.85 6.74 4.00
N GLY A 498 -1.17 6.77 5.14
CA GLY A 498 -1.50 5.86 6.21
C GLY A 498 -2.90 6.18 6.72
N THR A 499 -3.40 5.30 7.55
CA THR A 499 -4.72 5.50 8.16
C THR A 499 -4.37 5.45 9.63
N HIS A 500 -4.36 6.62 10.24
CA HIS A 500 -3.74 6.78 11.56
C HIS A 500 -4.65 6.16 12.60
N GLY A 501 -4.09 5.20 13.35
CA GLY A 501 -4.86 4.39 14.30
C GLY A 501 -4.95 2.94 13.83
N SER A 502 -4.73 2.68 12.54
CA SER A 502 -4.82 1.32 12.05
C SER A 502 -3.70 0.43 12.58
N LEU A 503 -2.59 1.03 13.08
CA LEU A 503 -1.52 0.26 13.72
C LEU A 503 -1.43 0.45 15.25
N ASN A 504 -2.52 0.89 15.87
CA ASN A 504 -2.55 1.02 17.34
C ASN A 504 -2.24 -0.28 18.06
N HIS A 505 -2.68 -1.39 17.49
CA HIS A 505 -2.41 -2.71 18.07
C HIS A 505 -0.93 -3.12 18.13
N LEU A 506 -0.03 -2.33 17.56
CA LEU A 506 1.42 -2.62 17.67
C LEU A 506 1.97 -2.07 18.99
N LEU A 507 1.22 -1.15 19.62
CA LEU A 507 1.80 -0.27 20.63
C LEU A 507 1.24 -0.53 22.00
N ARG A 508 2.12 -0.45 23.01
CA ARG A 508 1.73 -0.53 24.41
C ARG A 508 1.07 0.77 24.85
N THR A 509 1.60 1.92 24.45
CA THR A 509 1.05 3.25 24.81
C THR A 509 1.29 4.18 23.61
N ASN A 510 1.01 5.48 23.74
CA ASN A 510 1.13 6.47 22.62
C ASN A 510 0.15 6.15 21.49
N THR A 511 -0.93 5.42 21.80
CA THR A 511 -1.89 5.17 20.74
C THR A 511 -2.51 6.52 20.26
N PHE A 512 -3.14 6.48 19.09
CA PHE A 512 -3.70 7.69 18.55
C PHE A 512 -5.14 7.36 18.43
N ARG A 513 -6.00 8.18 19.06
CA ARG A 513 -7.36 7.73 19.20
C ARG A 513 -8.22 8.58 18.31
N PRO A 514 -8.40 8.16 17.06
CA PRO A 514 -9.16 8.99 16.13
C PRO A 514 -10.65 8.86 16.40
N THR A 515 -11.42 9.84 15.96
CA THR A 515 -12.86 9.80 16.01
C THR A 515 -13.31 9.58 14.56
N MET A 516 -14.48 8.96 14.37
CA MET A 516 -14.99 8.70 13.02
C MET A 516 -15.28 10.03 12.34
N PRO A 517 -15.07 10.12 11.02
CA PRO A 517 -15.43 11.39 10.38
C PRO A 517 -16.92 11.71 10.46
N ASP A 518 -17.24 13.00 10.54
CA ASP A 518 -18.65 13.37 10.60
C ASP A 518 -19.32 13.21 9.23
N GLU A 519 -20.57 12.76 9.22
CA GLU A 519 -21.31 12.69 7.97
C GLU A 519 -21.55 14.11 7.51
N VAL A 520 -21.41 14.37 6.21
CA VAL A 520 -21.60 15.72 5.70
C VAL A 520 -23.03 15.83 5.13
N SER A 521 -23.50 14.79 4.44
CA SER A 521 -24.82 14.87 3.85
C SER A 521 -25.76 13.88 4.46
N ARG A 522 -26.89 14.37 4.93
CA ARG A 522 -27.97 13.51 5.44
CA ARG A 522 -27.96 13.50 5.45
C ARG A 522 -28.86 13.00 4.30
N PRO A 523 -29.31 11.74 4.40
CA PRO A 523 -30.13 11.22 3.32
C PRO A 523 -31.55 11.72 3.41
N ASN A 524 -32.26 11.67 2.30
CA ASN A 524 -33.74 11.76 2.32
C ASN A 524 -34.27 10.35 2.35
N TYR A 525 -35.46 10.17 2.92
CA TYR A 525 -36.13 8.88 2.97
C TYR A 525 -37.44 9.00 2.17
N PRO A 526 -37.40 8.96 0.82
CA PRO A 526 -38.67 9.23 0.09
C PRO A 526 -39.70 8.12 0.23
N GLY A 527 -40.97 8.50 0.34
CA GLY A 527 -42.06 7.52 0.24
C GLY A 527 -42.61 7.57 -1.19
N ILE A 528 -43.78 6.96 -1.41
CA ILE A 528 -44.40 6.95 -2.75
C ILE A 528 -44.93 8.34 -3.15
N MET A 529 -44.38 8.89 -4.23
CA MET A 529 -44.58 10.30 -4.56
CA MET A 529 -44.63 10.30 -4.55
C MET A 529 -44.96 10.52 -6.01
N TYR A 530 -44.88 9.47 -6.83
CA TYR A 530 -45.06 9.63 -8.29
C TYR A 530 -45.96 8.55 -8.83
N LEU A 531 -46.82 8.91 -9.77
CA LEU A 531 -47.62 7.90 -10.46
C LEU A 531 -46.81 7.35 -11.64
N GLN A 532 -47.02 6.07 -11.96
CA GLN A 532 -46.33 5.38 -13.06
C GLN A 532 -46.39 6.20 -14.37
N SER A 533 -47.55 6.77 -14.66
CA SER A 533 -47.70 7.51 -15.91
C SER A 533 -46.89 8.81 -15.98
N GLU A 534 -46.32 9.30 -14.87
CA GLU A 534 -45.50 10.52 -14.93
C GLU A 534 -44.15 10.23 -15.55
N PHE A 535 -43.82 8.95 -15.70
CA PHE A 535 -42.50 8.58 -16.22
C PHE A 535 -42.58 8.33 -17.71
N ASP A 536 -41.70 8.99 -18.44
CA ASP A 536 -41.59 8.73 -19.85
C ASP A 536 -40.12 8.33 -20.10
N LEU A 537 -39.77 7.12 -19.67
CA LEU A 537 -38.37 6.74 -19.70
C LEU A 537 -38.08 5.77 -20.83
N GLY A 538 -39.11 5.37 -21.56
CA GLY A 538 -38.92 4.41 -22.66
C GLY A 538 -38.66 3.02 -22.13
N CYS A 539 -38.94 2.81 -20.85
CA CYS A 539 -38.74 1.51 -20.19
C CYS A 539 -40.04 0.76 -20.23
N THR A 540 -39.96 -0.56 -20.28
CA THR A 540 -41.15 -1.43 -20.19
C THR A 540 -40.87 -2.60 -19.27
N CYS A 541 -41.92 -3.12 -18.66
CA CYS A 541 -41.80 -4.34 -17.89
C CYS A 541 -43.10 -5.12 -17.89
N ASP A 542 -43.01 -6.43 -18.04
CA ASP A 542 -44.18 -7.32 -17.95
C ASP A 542 -44.54 -7.62 -16.47
N ASP A 543 -45.03 -6.59 -15.78
CA ASP A 543 -45.23 -6.73 -14.32
C ASP A 543 -46.66 -6.47 -13.83
N LYS A 544 -47.54 -6.11 -14.75
CA LYS A 544 -48.92 -5.79 -14.39
C LYS A 544 -49.78 -7.05 -14.26
N VAL A 545 -49.61 -7.80 -13.16
CA VAL A 545 -50.47 -8.97 -12.86
C VAL A 545 -50.81 -9.04 -11.36
N GLU A 546 -52.01 -8.57 -11.00
CA GLU A 546 -52.45 -8.47 -9.59
C GLU A 546 -52.28 -9.77 -8.80
N ASN A 549 -53.89 -8.58 -2.69
CA ASN A 549 -53.82 -9.32 -1.44
C ASN A 549 -53.69 -8.39 -0.23
N LYS A 550 -54.40 -8.68 0.86
CA LYS A 550 -54.19 -7.95 2.12
C LYS A 550 -53.31 -8.66 3.16
N LEU A 551 -53.21 -10.00 3.05
CA LEU A 551 -52.27 -10.78 3.88
C LEU A 551 -50.81 -10.43 3.51
N GLU A 552 -50.63 -9.89 2.30
CA GLU A 552 -49.31 -9.62 1.73
C GLU A 552 -49.04 -8.13 1.41
N GLU A 553 -50.09 -7.30 1.37
CA GLU A 553 -49.92 -5.87 1.12
C GLU A 553 -49.25 -5.12 2.28
N LEU A 554 -49.61 -5.45 3.53
CA LEU A 554 -48.95 -4.82 4.67
C LEU A 554 -47.45 -5.12 4.65
N ASN A 555 -47.11 -6.37 4.26
CA ASN A 555 -45.73 -6.85 4.11
C ASN A 555 -44.80 -6.06 3.17
N LYS A 556 -45.20 -5.91 1.91
CA LYS A 556 -44.47 -5.06 0.96
C LYS A 556 -44.25 -3.63 1.49
N ARG A 557 -45.28 -3.05 2.11
CA ARG A 557 -45.15 -1.71 2.74
C ARG A 557 -44.08 -1.68 3.84
N LEU A 558 -44.08 -2.70 4.71
CA LEU A 558 -43.10 -2.80 5.80
C LEU A 558 -41.69 -2.86 5.20
N HIS A 559 -41.52 -3.70 4.17
CA HIS A 559 -40.21 -3.86 3.49
C HIS A 559 -39.71 -2.55 2.90
N THR A 560 -40.63 -1.77 2.30
CA THR A 560 -40.28 -0.45 1.70
C THR A 560 -39.99 0.61 2.78
N LYS A 561 -40.45 0.37 4.00
CA LYS A 561 -40.17 1.27 5.14
C LYS A 561 -38.94 0.84 5.98
N GLY A 562 -38.30 -0.29 5.63
CA GLY A 562 -37.01 -0.63 6.26
C GLY A 562 -37.03 -1.84 7.20
N SER A 563 -38.14 -2.59 7.20
CA SER A 563 -38.32 -3.76 8.09
C SER A 563 -37.27 -4.89 8.01
N THR A 564 -36.65 -5.06 6.85
CA THR A 564 -35.59 -6.07 6.73
C THR A 564 -34.19 -5.41 6.78
N LYS A 565 -34.14 -4.10 7.04
CA LYS A 565 -32.88 -3.34 6.87
C LYS A 565 -31.73 -3.86 7.75
N GLU A 566 -32.07 -4.36 8.94
CA GLU A 566 -31.08 -4.89 9.89
C GLU A 566 -30.36 -6.14 9.33
N ARG A 567 -31.04 -6.87 8.46
CA ARG A 567 -30.45 -8.04 7.82
C ARG A 567 -29.50 -7.61 6.70
N HIS A 568 -29.88 -6.60 5.92
CA HIS A 568 -29.08 -6.24 4.75
C HIS A 568 -28.07 -5.14 4.96
N LEU A 569 -28.28 -4.35 6.00
CA LEU A 569 -27.34 -3.30 6.37
C LEU A 569 -26.72 -3.63 7.73
N LEU A 570 -25.72 -4.51 7.72
CA LEU A 570 -25.22 -5.10 8.97
C LEU A 570 -24.33 -4.19 9.79
N TYR A 571 -23.70 -3.21 9.16
CA TYR A 571 -22.70 -2.40 9.85
C TYR A 571 -23.07 -0.94 9.80
N GLY A 572 -24.38 -0.70 9.71
CA GLY A 572 -24.91 0.65 9.62
C GLY A 572 -24.85 1.15 8.18
N ARG A 573 -25.55 2.23 7.87
CA ARG A 573 -25.37 2.77 6.53
C ARG A 573 -24.02 3.51 6.40
N PRO A 574 -23.39 3.42 5.23
CA PRO A 574 -22.18 4.20 5.02
C PRO A 574 -22.46 5.70 5.21
N ALA A 575 -21.49 6.45 5.70
CA ALA A 575 -21.68 7.90 5.80
C ALA A 575 -21.17 8.55 4.53
N VAL A 576 -21.88 9.59 4.07
CA VAL A 576 -21.47 10.34 2.88
C VAL A 576 -20.67 11.54 3.34
N LEU A 577 -19.37 11.58 3.01
CA LEU A 577 -18.49 12.60 3.55
C LEU A 577 -18.29 13.80 2.64
N TYR A 578 -19.24 14.05 1.74
CA TYR A 578 -19.15 15.25 0.93
C TYR A 578 -20.59 15.79 0.77
N ARG A 579 -20.72 16.98 0.21
CA ARG A 579 -22.04 17.63 0.07
CA ARG A 579 -22.02 17.64 0.06
C ARG A 579 -22.77 17.10 -1.17
N THR A 580 -23.91 16.45 -0.98
CA THR A 580 -24.64 15.89 -2.13
C THR A 580 -26.11 15.63 -1.77
N SER A 581 -26.94 15.31 -2.76
CA SER A 581 -28.33 15.02 -2.52
CA SER A 581 -28.33 15.00 -2.48
C SER A 581 -28.56 13.54 -2.78
N TYR A 582 -28.97 12.80 -1.77
CA TYR A 582 -29.22 11.39 -2.02
C TYR A 582 -30.34 10.81 -1.18
N ASP A 583 -30.90 9.70 -1.62
CA ASP A 583 -32.06 9.08 -0.98
C ASP A 583 -31.71 7.71 -0.47
N ILE A 584 -32.20 7.31 0.71
CA ILE A 584 -32.11 5.91 1.08
C ILE A 584 -33.35 5.21 0.56
N LEU A 585 -33.15 4.07 -0.12
CA LEU A 585 -34.22 3.28 -0.68
C LEU A 585 -34.18 1.90 -0.02
N TYR A 586 -35.28 1.50 0.58
CA TYR A 586 -35.36 0.18 1.21
C TYR A 586 -36.08 -0.81 0.31
N HIS A 587 -35.67 -2.08 0.39
CA HIS A 587 -36.36 -3.18 -0.32
C HIS A 587 -36.24 -4.46 0.49
N THR A 588 -37.05 -5.45 0.16
CA THR A 588 -37.00 -6.77 0.82
C THR A 588 -35.59 -7.33 0.93
N ASP A 589 -34.86 -7.28 -0.19
CA ASP A 589 -33.59 -7.99 -0.34
C ASP A 589 -32.33 -7.08 -0.30
N PHE A 590 -32.51 -5.76 -0.34
CA PHE A 590 -31.37 -4.84 -0.40
C PHE A 590 -31.77 -3.43 -0.03
N GLU A 591 -30.77 -2.65 0.35
CA GLU A 591 -30.97 -1.24 0.71
CA GLU A 591 -31.00 -1.25 0.70
C GLU A 591 -29.97 -0.46 -0.12
N SER A 592 -30.33 0.74 -0.55
CA SER A 592 -29.40 1.54 -1.34
C SER A 592 -29.40 2.99 -0.91
N GLY A 593 -28.28 3.66 -1.18
CA GLY A 593 -28.16 5.11 -1.07
C GLY A 593 -28.10 5.62 -2.50
N TYR A 594 -29.19 6.23 -2.96
CA TYR A 594 -29.38 6.57 -4.38
C TYR A 594 -29.05 8.05 -4.64
N SER A 595 -28.08 8.32 -5.52
CA SER A 595 -27.64 9.71 -5.75
C SER A 595 -28.54 10.40 -6.75
N GLU A 596 -29.20 11.50 -6.34
CA GLU A 596 -29.98 12.27 -7.32
C GLU A 596 -29.10 13.01 -8.31
N ILE A 597 -27.82 13.17 -7.97
CA ILE A 597 -26.86 13.87 -8.83
C ILE A 597 -26.29 12.92 -9.90
N PHE A 598 -25.81 11.75 -9.50
CA PHE A 598 -25.25 10.80 -10.45
C PHE A 598 -26.31 9.85 -11.03
N LEU A 599 -27.58 9.98 -10.62
CA LEU A 599 -28.69 9.12 -11.10
C LEU A 599 -28.48 7.61 -10.91
N MET A 600 -27.77 7.23 -9.85
CA MET A 600 -27.62 5.82 -9.58
C MET A 600 -27.18 5.68 -8.12
N PRO A 601 -27.15 4.46 -7.59
CA PRO A 601 -26.71 4.34 -6.20
C PRO A 601 -25.23 4.65 -6.05
N LEU A 602 -24.88 5.25 -4.92
CA LEU A 602 -23.49 5.38 -4.52
C LEU A 602 -23.09 4.05 -3.90
N TRP A 603 -24.09 3.36 -3.36
CA TRP A 603 -23.85 2.07 -2.67
C TRP A 603 -25.16 1.30 -2.61
N THR A 604 -25.05 -0.02 -2.66
CA THR A 604 -26.18 -0.92 -2.56
C THR A 604 -25.68 -2.04 -1.61
N SER A 605 -26.46 -2.34 -0.57
CA SER A 605 -26.07 -3.27 0.50
C SER A 605 -27.06 -4.46 0.62
N TYR A 606 -26.53 -5.67 0.62
CA TYR A 606 -27.39 -6.87 0.75
C TYR A 606 -26.66 -8.02 1.41
N THR A 607 -27.40 -8.86 2.12
CA THR A 607 -26.80 -10.01 2.77
C THR A 607 -27.33 -11.28 2.12
N ILE A 608 -26.42 -12.22 1.84
CA ILE A 608 -26.70 -13.52 1.21
C ILE A 608 -26.28 -14.60 2.22
N SER A 609 -27.22 -15.39 2.73
CA SER A 609 -26.84 -16.36 3.74
C SER A 609 -26.27 -17.60 3.03
N LYS A 610 -25.60 -18.47 3.79
CA LYS A 610 -25.15 -19.76 3.23
C LYS A 610 -26.31 -20.54 2.56
N GLN A 611 -27.51 -20.40 3.11
CA GLN A 611 -28.68 -21.15 2.60
C GLN A 611 -29.32 -20.57 1.33
N ALA A 612 -28.90 -19.38 0.89
CA ALA A 612 -29.61 -18.68 -0.18
C ALA A 612 -29.59 -19.47 -1.47
N GLU A 613 -30.68 -19.39 -2.24
CA GLU A 613 -30.71 -20.03 -3.56
C GLU A 613 -30.54 -19.01 -4.72
N VAL A 614 -29.84 -19.43 -5.75
CA VAL A 614 -29.65 -18.67 -6.97
C VAL A 614 -30.80 -19.03 -7.89
N SER A 615 -31.47 -18.03 -8.46
CA SER A 615 -32.50 -18.29 -9.47
C SER A 615 -32.10 -17.60 -10.77
N SER A 616 -32.89 -17.77 -11.82
CA SER A 616 -32.57 -17.11 -13.07
C SER A 616 -33.48 -15.90 -13.23
N ILE A 617 -33.16 -15.06 -14.20
CA ILE A 617 -34.07 -14.02 -14.62
C ILE A 617 -35.14 -14.70 -15.52
N PRO A 618 -36.40 -14.73 -15.06
CA PRO A 618 -37.51 -15.29 -15.84
C PRO A 618 -37.56 -14.65 -17.23
N GLU A 619 -38.00 -15.43 -18.21
CA GLU A 619 -38.07 -15.00 -19.62
C GLU A 619 -38.84 -13.73 -19.81
N HIS A 620 -40.01 -13.63 -19.19
CA HIS A 620 -40.88 -12.46 -19.39
C HIS A 620 -40.27 -11.17 -18.82
N LEU A 621 -39.24 -11.32 -17.97
CA LEU A 621 -38.58 -10.17 -17.31
C LEU A 621 -37.20 -9.82 -17.88
N THR A 622 -36.79 -10.48 -18.97
CA THR A 622 -35.42 -10.28 -19.53
C THR A 622 -35.03 -8.80 -19.74
N ASN A 623 -35.90 -8.02 -20.34
CA ASN A 623 -35.63 -6.59 -20.58
C ASN A 623 -36.46 -5.66 -19.70
N CYS A 624 -36.97 -6.17 -18.60
CA CYS A 624 -37.81 -5.39 -17.69
C CYS A 624 -37.02 -4.29 -16.96
N VAL A 625 -37.46 -3.04 -17.07
CA VAL A 625 -36.98 -1.98 -16.17
C VAL A 625 -38.20 -1.27 -15.70
N ARG A 626 -38.30 -1.02 -14.39
CA ARG A 626 -39.49 -0.44 -13.79
C ARG A 626 -39.21 0.93 -13.15
N PRO A 627 -40.02 1.95 -13.47
CA PRO A 627 -40.00 3.22 -12.72
C PRO A 627 -40.08 2.98 -11.18
N ASP A 628 -39.31 3.80 -10.46
CA ASP A 628 -39.33 3.80 -9.02
C ASP A 628 -40.20 4.96 -8.57
N VAL A 629 -41.38 4.66 -8.06
CA VAL A 629 -42.37 5.73 -7.69
C VAL A 629 -41.95 6.58 -6.48
N ARG A 630 -40.85 6.21 -5.84
CA ARG A 630 -40.27 7.08 -4.80
C ARG A 630 -39.33 8.16 -5.35
N VAL A 631 -38.97 8.10 -6.61
CA VAL A 631 -37.90 8.94 -7.16
C VAL A 631 -38.37 9.60 -8.43
N SER A 632 -38.21 10.93 -8.53
CA SER A 632 -38.80 11.66 -9.65
CA SER A 632 -38.74 11.71 -9.64
C SER A 632 -38.24 11.25 -11.02
N PRO A 633 -39.10 11.36 -12.08
CA PRO A 633 -38.59 11.04 -13.43
C PRO A 633 -37.33 11.84 -13.70
N GLY A 634 -37.29 13.11 -13.26
CA GLY A 634 -36.13 13.98 -13.52
C GLY A 634 -34.83 13.52 -12.84
N PHE A 635 -34.94 12.66 -11.82
CA PHE A 635 -33.78 12.12 -11.12
C PHE A 635 -33.59 10.64 -11.41
N SER A 636 -34.11 10.18 -12.54
CA SER A 636 -34.03 8.76 -12.91
C SER A 636 -33.25 8.61 -14.20
N GLN A 637 -32.68 7.42 -14.40
CA GLN A 637 -32.13 7.08 -15.70
C GLN A 637 -33.32 6.79 -16.66
N ASN A 638 -33.04 6.65 -17.93
CA ASN A 638 -34.08 6.26 -18.88
C ASN A 638 -33.54 5.19 -19.80
N CYS A 639 -34.44 4.34 -20.27
CA CYS A 639 -34.06 3.18 -21.09
C CYS A 639 -33.72 3.58 -22.50
N LEU A 640 -34.33 4.66 -22.99
CA LEU A 640 -34.08 5.14 -24.34
C LEU A 640 -32.62 5.52 -24.58
N ALA A 641 -31.99 6.14 -23.58
CA ALA A 641 -30.58 6.49 -23.68
C ALA A 641 -29.72 5.24 -23.97
N TYR A 642 -30.05 4.13 -23.30
CA TYR A 642 -29.35 2.88 -23.51
C TYR A 642 -29.64 2.27 -24.85
N LYS A 643 -30.90 2.29 -25.28
CA LYS A 643 -31.25 1.86 -26.64
C LYS A 643 -30.41 2.61 -27.68
N ASN A 644 -30.39 3.93 -27.57
CA ASN A 644 -29.64 4.78 -28.50
C ASN A 644 -28.10 4.70 -28.43
N ASP A 645 -27.56 4.39 -27.25
CA ASP A 645 -26.10 4.28 -27.09
C ASP A 645 -25.71 2.90 -27.54
N LYS A 646 -25.12 2.81 -28.72
CA LYS A 646 -24.80 1.52 -29.29
C LYS A 646 -23.65 0.78 -28.59
N GLN A 647 -22.81 1.52 -27.86
CA GLN A 647 -21.68 0.93 -27.11
C GLN A 647 -22.07 0.49 -25.69
N MET A 648 -23.09 1.15 -25.12
CA MET A 648 -23.30 1.04 -23.67
C MET A 648 -24.53 0.21 -23.37
N SER A 649 -24.42 -0.70 -22.45
CA SER A 649 -25.61 -1.42 -22.02
C SER A 649 -25.83 -1.13 -20.52
N TYR A 650 -26.55 -1.97 -19.80
CA TYR A 650 -26.77 -1.71 -18.39
C TYR A 650 -26.79 -2.99 -17.58
N GLY A 651 -26.52 -2.84 -16.28
CA GLY A 651 -26.56 -3.97 -15.33
C GLY A 651 -27.25 -3.49 -14.07
N PHE A 652 -27.29 -4.36 -13.07
CA PHE A 652 -27.98 -4.03 -11.82
C PHE A 652 -27.01 -4.22 -10.68
N LEU A 653 -27.14 -3.37 -9.66
CA LEU A 653 -26.26 -3.49 -8.50
C LEU A 653 -26.66 -4.64 -7.57
N PHE A 654 -27.90 -4.67 -7.13
CA PHE A 654 -28.39 -5.90 -6.49
C PHE A 654 -28.77 -6.88 -7.59
N PRO A 655 -28.21 -8.10 -7.58
CA PRO A 655 -28.49 -8.97 -8.73
C PRO A 655 -29.88 -9.69 -8.66
N PRO A 656 -30.65 -9.65 -9.75
CA PRO A 656 -31.92 -10.37 -9.73
C PRO A 656 -31.77 -11.87 -9.46
N TYR A 657 -30.58 -12.45 -9.68
CA TYR A 657 -30.41 -13.90 -9.47
C TYR A 657 -30.51 -14.26 -8.02
N LEU A 658 -30.28 -13.30 -7.14
CA LEU A 658 -30.29 -13.60 -5.70
C LEU A 658 -31.53 -13.12 -4.93
N SER A 659 -32.56 -12.78 -5.68
CA SER A 659 -33.85 -12.40 -5.11
C SER A 659 -34.36 -13.50 -4.18
N SER A 660 -35.03 -13.10 -3.09
CA SER A 660 -35.45 -14.07 -2.07
C SER A 660 -36.76 -14.80 -2.44
N SER A 661 -37.50 -14.27 -3.42
CA SER A 661 -38.79 -14.83 -3.83
C SER A 661 -39.12 -14.22 -5.19
N PRO A 662 -40.01 -14.90 -5.96
CA PRO A 662 -40.43 -14.35 -7.25
C PRO A 662 -40.98 -12.94 -7.15
N GLU A 663 -41.75 -12.64 -6.09
CA GLU A 663 -42.28 -11.30 -5.91
C GLU A 663 -41.18 -10.24 -5.59
N ALA A 664 -40.22 -10.62 -4.75
CA ALA A 664 -39.14 -9.69 -4.41
C ALA A 664 -38.28 -9.39 -5.64
N LYS A 665 -38.22 -10.34 -6.57
CA LYS A 665 -37.43 -10.14 -7.76
C LYS A 665 -37.79 -8.87 -8.52
N TYR A 666 -39.06 -8.46 -8.50
CA TYR A 666 -39.45 -7.22 -9.22
C TYR A 666 -38.68 -5.99 -8.80
N ASP A 667 -38.31 -5.92 -7.52
CA ASP A 667 -37.54 -4.78 -6.94
C ASP A 667 -36.18 -4.63 -7.62
N ALA A 668 -35.59 -5.78 -7.94
CA ALA A 668 -34.26 -5.78 -8.58
C ALA A 668 -34.27 -5.13 -9.96
N PHE A 669 -35.44 -5.03 -10.60
CA PHE A 669 -35.53 -4.40 -11.93
C PHE A 669 -35.91 -2.92 -11.88
N LEU A 670 -35.96 -2.34 -10.68
CA LEU A 670 -36.20 -0.89 -10.55
C LEU A 670 -35.11 -0.08 -11.24
N VAL A 671 -35.51 1.02 -11.84
CA VAL A 671 -34.64 1.87 -12.62
C VAL A 671 -33.59 2.47 -11.67
N THR A 672 -33.90 2.48 -10.37
CA THR A 672 -32.99 2.99 -9.36
C THR A 672 -31.90 1.98 -8.94
N ASN A 673 -31.94 0.75 -9.50
CA ASN A 673 -30.93 -0.30 -9.19
C ASN A 673 -30.04 -0.52 -10.43
N MET A 674 -30.30 0.23 -11.50
CA MET A 674 -29.63 0.10 -12.80
CA MET A 674 -29.58 0.06 -12.76
C MET A 674 -28.36 0.96 -12.88
N VAL A 675 -27.32 0.44 -13.52
CA VAL A 675 -26.10 1.18 -13.70
C VAL A 675 -25.56 0.92 -15.11
N PRO A 676 -24.83 1.90 -15.68
CA PRO A 676 -24.41 1.64 -17.06
C PRO A 676 -23.23 0.69 -17.10
N MET A 677 -23.28 -0.27 -18.04
CA MET A 677 -22.22 -1.28 -18.20
C MET A 677 -21.99 -1.63 -19.65
N TYR A 678 -20.72 -1.55 -20.08
CA TYR A 678 -20.36 -2.07 -21.40
C TYR A 678 -20.70 -3.55 -21.44
N PRO A 679 -21.18 -4.06 -22.60
CA PRO A 679 -21.40 -5.52 -22.73
C PRO A 679 -20.19 -6.35 -22.30
N ALA A 680 -18.98 -5.91 -22.62
CA ALA A 680 -17.82 -6.72 -22.29
C ALA A 680 -17.69 -6.83 -20.77
N PHE A 681 -17.99 -5.73 -20.09
CA PHE A 681 -17.95 -5.74 -18.63
C PHE A 681 -19.10 -6.56 -18.03
N LYS A 682 -20.24 -6.58 -18.70
CA LYS A 682 -21.37 -7.39 -18.21
C LYS A 682 -21.04 -8.85 -18.12
N ARG A 683 -20.18 -9.33 -19.02
CA ARG A 683 -19.64 -10.69 -18.80
C ARG A 683 -19.00 -10.92 -17.43
N VAL A 684 -18.19 -9.96 -17.01
CA VAL A 684 -17.51 -10.04 -15.72
C VAL A 684 -18.53 -9.95 -14.57
N TRP A 685 -19.34 -8.89 -14.61
CA TRP A 685 -20.31 -8.57 -13.59
C TRP A 685 -21.33 -9.71 -13.40
N ALA A 686 -21.85 -10.26 -14.50
CA ALA A 686 -22.89 -11.32 -14.40
C ALA A 686 -22.34 -12.60 -13.74
N TYR A 687 -21.11 -12.93 -14.07
CA TYR A 687 -20.50 -14.10 -13.46
C TYR A 687 -20.20 -13.88 -11.97
N PHE A 688 -19.68 -12.71 -11.62
CA PHE A 688 -19.56 -12.33 -10.21
C PHE A 688 -20.91 -12.49 -9.48
N GLN A 689 -21.98 -11.93 -10.07
CA GLN A 689 -23.29 -11.90 -9.38
C GLN A 689 -24.04 -13.25 -9.35
N ARG A 690 -23.96 -14.01 -10.46
CA ARG A 690 -24.66 -15.31 -10.61
C ARG A 690 -23.92 -16.46 -9.92
N VAL A 691 -22.59 -16.45 -9.98
CA VAL A 691 -21.79 -17.57 -9.49
C VAL A 691 -20.98 -17.23 -8.24
N LEU A 692 -20.20 -16.15 -8.28
CA LEU A 692 -19.24 -15.94 -7.21
C LEU A 692 -19.85 -15.53 -5.87
N VAL A 693 -20.87 -14.70 -5.89
CA VAL A 693 -21.45 -14.27 -4.60
C VAL A 693 -21.96 -15.50 -3.83
N LYS A 694 -22.72 -16.38 -4.50
CA LYS A 694 -23.20 -17.59 -3.83
CA LYS A 694 -23.20 -17.63 -3.88
C LYS A 694 -22.02 -18.47 -3.38
N LYS A 695 -20.99 -18.55 -4.20
CA LYS A 695 -19.79 -19.32 -3.82
C LYS A 695 -19.17 -18.77 -2.55
N TYR A 696 -19.01 -17.45 -2.48
CA TYR A 696 -18.43 -16.88 -1.26
C TYR A 696 -19.37 -17.09 -0.07
N ALA A 697 -20.68 -17.04 -0.31
CA ALA A 697 -21.61 -17.20 0.82
C ALA A 697 -21.50 -18.61 1.42
N SER A 698 -21.32 -19.62 0.57
CA SER A 698 -21.20 -20.99 1.12
C SER A 698 -19.85 -21.25 1.79
N GLU A 699 -18.78 -20.68 1.22
CA GLU A 699 -17.47 -20.75 1.79
C GLU A 699 -17.34 -19.98 3.10
N ARG A 700 -17.97 -18.80 3.22
CA ARG A 700 -17.70 -17.91 4.33
C ARG A 700 -18.82 -17.93 5.36
N ASN A 701 -19.85 -18.71 5.07
CA ASN A 701 -21.02 -18.84 5.93
C ASN A 701 -21.87 -17.56 5.94
N GLY A 702 -22.34 -17.20 4.75
CA GLY A 702 -23.04 -15.91 4.58
C GLY A 702 -22.01 -14.81 4.26
N VAL A 703 -22.40 -13.89 3.39
CA VAL A 703 -21.64 -12.63 3.16
C VAL A 703 -22.60 -11.45 3.11
N ASN A 704 -22.11 -10.31 3.58
CA ASN A 704 -22.79 -9.06 3.34
C ASN A 704 -22.03 -8.43 2.18
N VAL A 705 -22.74 -7.95 1.18
CA VAL A 705 -22.11 -7.33 0.02
C VAL A 705 -22.52 -5.86 -0.07
N ILE A 706 -21.54 -4.96 -0.26
CA ILE A 706 -21.83 -3.55 -0.65
C ILE A 706 -21.16 -3.30 -2.01
N SER A 707 -21.97 -2.93 -3.00
CA SER A 707 -21.47 -2.68 -4.35
C SER A 707 -21.80 -1.29 -4.79
N GLY A 708 -21.02 -0.76 -5.71
CA GLY A 708 -21.39 0.55 -6.27
C GLY A 708 -20.46 0.95 -7.38
N PRO A 709 -20.70 2.13 -7.94
CA PRO A 709 -19.89 2.70 -8.98
C PRO A 709 -18.75 3.53 -8.40
N ILE A 710 -17.69 3.71 -9.18
CA ILE A 710 -16.60 4.65 -8.87
C ILE A 710 -16.32 5.51 -10.11
N PHE A 711 -16.07 6.79 -9.89
CA PHE A 711 -15.71 7.66 -11.01
C PHE A 711 -14.36 8.25 -10.67
N ASP A 712 -13.31 7.87 -11.39
CA ASP A 712 -12.00 8.46 -11.19
C ASP A 712 -11.35 8.73 -12.56
N TYR A 713 -11.95 9.69 -13.29
CA TYR A 713 -11.45 10.02 -14.62
C TYR A 713 -10.07 10.69 -14.63
N ASN A 714 -9.63 11.28 -13.51
CA ASN A 714 -8.30 11.93 -13.47
C ASN A 714 -7.29 11.04 -12.70
N TYR A 715 -7.66 9.78 -12.50
CA TYR A 715 -6.82 8.74 -11.90
C TYR A 715 -6.00 9.23 -10.70
N ASP A 716 -6.65 9.98 -9.83
CA ASP A 716 -5.93 10.48 -8.63
C ASP A 716 -6.25 9.65 -7.37
N GLY A 717 -7.06 8.60 -7.56
CA GLY A 717 -7.44 7.72 -6.44
C GLY A 717 -8.51 8.32 -5.55
N LEU A 718 -9.08 9.45 -5.97
CA LEU A 718 -10.07 10.18 -5.22
C LEU A 718 -11.36 10.42 -6.02
N ARG A 719 -12.49 10.39 -5.30
CA ARG A 719 -13.83 10.59 -5.86
CA ARG A 719 -13.82 10.56 -5.92
C ARG A 719 -13.86 11.79 -6.84
N ASP A 720 -14.39 11.62 -8.05
CA ASP A 720 -14.52 12.77 -8.94
C ASP A 720 -15.74 13.60 -8.54
N THR A 721 -15.65 14.90 -8.71
CA THR A 721 -16.85 15.72 -8.68
C THR A 721 -17.55 15.59 -10.05
N GLU A 722 -18.76 16.09 -10.16
CA GLU A 722 -19.53 15.88 -11.39
C GLU A 722 -18.91 16.56 -12.61
N ASP A 723 -18.14 17.63 -12.38
CA ASP A 723 -17.57 18.35 -13.51
C ASP A 723 -16.29 17.71 -14.02
N GLU A 724 -15.87 16.60 -13.41
CA GLU A 724 -14.71 15.80 -13.87
C GLU A 724 -15.05 14.59 -14.74
N ILE A 725 -16.34 14.32 -14.92
CA ILE A 725 -16.79 13.12 -15.63
C ILE A 725 -16.55 13.29 -17.13
N LYS A 726 -15.82 12.38 -17.76
CA LYS A 726 -15.49 12.55 -19.19
C LYS A 726 -16.43 11.85 -20.16
N GLN A 727 -17.34 11.03 -19.63
CA GLN A 727 -18.18 10.20 -20.49
C GLN A 727 -19.54 9.93 -19.84
N TYR A 728 -20.58 10.08 -20.66
CA TYR A 728 -21.97 9.90 -20.28
C TYR A 728 -22.59 8.90 -21.24
N VAL A 729 -23.67 8.26 -20.81
CA VAL A 729 -24.45 7.45 -21.73
C VAL A 729 -24.99 8.42 -22.79
N GLU A 730 -24.87 8.04 -24.06
CA GLU A 730 -25.14 8.95 -25.18
C GLU A 730 -26.50 9.62 -25.03
N GLY A 731 -26.48 10.94 -25.13
CA GLY A 731 -27.69 11.73 -25.16
C GLY A 731 -28.33 11.94 -23.81
N SER A 732 -27.60 11.67 -22.73
CA SER A 732 -28.16 11.76 -21.38
C SER A 732 -27.17 12.38 -20.43
N SER A 733 -27.62 12.57 -19.19
CA SER A 733 -26.76 13.05 -18.11
C SER A 733 -26.36 11.90 -17.16
N ILE A 734 -26.46 10.67 -17.66
CA ILE A 734 -26.09 9.47 -16.89
C ILE A 734 -24.56 9.33 -17.03
N PRO A 735 -23.81 9.50 -15.91
CA PRO A 735 -22.35 9.44 -15.98
C PRO A 735 -21.87 7.99 -16.04
N VAL A 736 -20.77 7.74 -16.76
CA VAL A 736 -20.29 6.38 -16.89
C VAL A 736 -19.19 6.14 -15.85
N PRO A 737 -19.36 5.13 -14.97
CA PRO A 737 -18.34 4.82 -13.98
C PRO A 737 -17.03 4.37 -14.65
N THR A 738 -15.89 4.67 -14.04
CA THR A 738 -14.59 4.11 -14.50
C THR A 738 -14.39 2.72 -13.86
N HIS A 739 -15.03 2.45 -12.74
CA HIS A 739 -14.81 1.21 -11.99
C HIS A 739 -16.09 0.82 -11.27
N TYR A 740 -16.22 -0.48 -10.94
CA TYR A 740 -17.27 -0.93 -10.03
C TYR A 740 -16.60 -1.63 -8.86
N TYR A 741 -17.06 -1.37 -7.64
CA TYR A 741 -16.48 -2.00 -6.45
C TYR A 741 -17.46 -2.97 -5.80
N SER A 742 -16.91 -3.84 -4.96
CA SER A 742 -17.74 -4.58 -4.01
C SER A 742 -16.92 -4.83 -2.78
N ILE A 743 -17.59 -4.75 -1.63
CA ILE A 743 -16.99 -5.04 -0.34
C ILE A 743 -17.75 -6.23 0.22
N ILE A 744 -17.04 -7.31 0.49
CA ILE A 744 -17.71 -8.55 0.89
C ILE A 744 -17.26 -8.91 2.29
N THR A 745 -18.19 -8.84 3.25
CA THR A 745 -17.83 -8.92 4.68
C THR A 745 -18.53 -10.16 5.26
N SER A 746 -17.85 -10.82 6.17
CA SER A 746 -18.41 -11.96 6.87
C SER A 746 -17.74 -12.05 8.27
N CYS A 747 -18.07 -13.09 9.03
CA CYS A 747 -17.52 -13.25 10.38
C CYS A 747 -16.15 -13.90 10.29
N LEU A 748 -15.15 -13.38 11.03
CA LEU A 748 -13.78 -13.97 10.96
C LEU A 748 -13.88 -15.39 11.47
N ASP A 749 -14.71 -15.59 12.48
CA ASP A 749 -15.07 -16.94 12.91
C ASP A 749 -16.23 -17.45 12.07
N PHE A 750 -15.89 -18.18 11.02
CA PHE A 750 -16.84 -18.64 10.02
C PHE A 750 -17.77 -19.76 10.50
N THR A 751 -17.64 -20.18 11.76
CA THR A 751 -18.65 -21.04 12.37
C THR A 751 -19.88 -20.21 12.73
N GLN A 752 -19.77 -18.88 12.75
CA GLN A 752 -20.93 -18.01 12.88
C GLN A 752 -21.34 -17.39 11.53
N PRO A 753 -22.67 -17.32 11.28
CA PRO A 753 -23.17 -16.75 10.05
C PRO A 753 -22.91 -15.25 9.98
N ALA A 754 -22.78 -14.72 8.77
CA ALA A 754 -22.41 -13.32 8.59
C ALA A 754 -23.39 -12.41 9.34
N ASP A 755 -24.68 -12.73 9.28
CA ASP A 755 -25.69 -11.90 9.95
C ASP A 755 -25.85 -12.12 11.47
N LYS A 756 -25.06 -13.02 12.07
CA LYS A 756 -25.11 -13.19 13.53
C LYS A 756 -23.72 -13.40 14.09
N CYS A 757 -22.86 -12.41 13.89
CA CYS A 757 -21.45 -12.51 14.21
C CYS A 757 -21.17 -11.72 15.49
N ASP A 758 -20.56 -12.35 16.47
CA ASP A 758 -20.29 -11.73 17.77
C ASP A 758 -18.94 -11.05 17.88
N GLY A 759 -18.03 -11.38 16.97
CA GLY A 759 -16.65 -10.93 17.10
C GLY A 759 -16.10 -10.22 15.89
N PRO A 760 -14.79 -10.37 15.63
CA PRO A 760 -14.15 -9.71 14.50
C PRO A 760 -14.73 -10.11 13.14
N LEU A 761 -14.56 -9.20 12.17
CA LEU A 761 -15.00 -9.42 10.80
C LEU A 761 -13.86 -9.86 9.89
N SER A 762 -14.24 -10.42 8.76
CA SER A 762 -13.32 -10.73 7.70
CA SER A 762 -13.32 -10.74 7.68
C SER A 762 -13.82 -10.01 6.43
N VAL A 763 -12.90 -9.52 5.62
CA VAL A 763 -13.35 -8.77 4.44
C VAL A 763 -12.52 -9.13 3.22
N SER A 764 -13.11 -9.02 2.02
CA SER A 764 -12.33 -8.93 0.78
C SER A 764 -13.08 -7.93 -0.13
N SER A 765 -12.35 -7.23 -0.97
CA SER A 765 -12.95 -6.18 -1.79
C SER A 765 -12.27 -6.17 -3.12
N PHE A 766 -12.94 -5.56 -4.08
CA PHE A 766 -12.32 -5.32 -5.38
C PHE A 766 -12.79 -4.03 -5.99
N ILE A 767 -11.98 -3.51 -6.92
CA ILE A 767 -12.33 -2.31 -7.70
C ILE A 767 -12.08 -2.73 -9.15
N LEU A 768 -13.12 -3.14 -9.86
CA LEU A 768 -12.96 -3.68 -11.20
C LEU A 768 -13.01 -2.54 -12.20
N PRO A 769 -12.04 -2.47 -13.13
CA PRO A 769 -12.08 -1.44 -14.17
C PRO A 769 -13.27 -1.69 -15.10
N HIS A 770 -14.00 -0.63 -15.41
CA HIS A 770 -15.18 -0.75 -16.21
C HIS A 770 -14.76 -0.55 -17.65
N ARG A 771 -14.35 -1.62 -18.34
CA ARG A 771 -13.71 -1.42 -19.67
C ARG A 771 -14.58 -1.95 -20.80
N PRO A 772 -14.53 -1.34 -21.99
CA PRO A 772 -15.39 -1.78 -23.10
C PRO A 772 -14.87 -3.02 -23.81
N ASP A 773 -13.72 -3.54 -23.39
CA ASP A 773 -13.21 -4.81 -23.92
C ASP A 773 -12.60 -5.58 -22.77
N ASN A 774 -12.31 -6.85 -23.01
CA ASN A 774 -11.62 -7.65 -22.04
C ASN A 774 -10.20 -7.96 -22.53
N ASP A 775 -9.59 -6.96 -23.16
CA ASP A 775 -8.21 -7.12 -23.65
C ASP A 775 -7.20 -7.45 -22.53
N GLU A 776 -7.47 -6.95 -21.34
CA GLU A 776 -6.64 -7.28 -20.16
C GLU A 776 -6.56 -8.77 -19.89
N SER A 777 -7.65 -9.50 -20.16
CA SER A 777 -7.70 -10.92 -19.89
C SER A 777 -7.44 -11.76 -21.18
N CYS A 778 -6.23 -12.33 -21.30
CA CYS A 778 -5.85 -13.02 -22.56
C CYS A 778 -6.72 -14.23 -22.89
N ASN A 779 -7.33 -14.84 -21.88
CA ASN A 779 -8.19 -16.02 -22.02
C ASN A 779 -9.68 -15.71 -22.07
N SER A 780 -10.05 -14.47 -22.36
CA SER A 780 -11.46 -14.05 -22.24
C SER A 780 -12.41 -14.60 -23.31
N SER A 781 -11.90 -15.14 -24.39
CA SER A 781 -12.82 -15.80 -25.32
C SER A 781 -13.27 -17.14 -24.71
N GLU A 782 -12.64 -17.57 -23.61
CA GLU A 782 -13.13 -18.77 -22.94
C GLU A 782 -14.30 -18.47 -21.99
N ASP A 783 -14.78 -19.52 -21.31
CA ASP A 783 -15.88 -19.38 -20.38
C ASP A 783 -15.44 -18.58 -19.17
N GLU A 784 -16.33 -17.72 -18.68
CA GLU A 784 -16.02 -16.84 -17.55
C GLU A 784 -15.39 -17.60 -16.38
N SER A 785 -15.73 -18.88 -16.22
CA SER A 785 -15.13 -19.73 -15.18
C SER A 785 -13.60 -19.90 -15.36
N LYS A 786 -13.06 -19.47 -16.49
CA LYS A 786 -11.63 -19.64 -16.77
C LYS A 786 -10.81 -18.36 -16.62
N TRP A 787 -11.47 -17.21 -16.45
CA TRP A 787 -10.75 -15.96 -16.46
C TRP A 787 -11.31 -14.88 -15.53
N VAL A 788 -12.59 -14.94 -15.18
CA VAL A 788 -13.17 -13.79 -14.44
C VAL A 788 -12.59 -13.68 -13.03
N GLU A 789 -12.50 -14.81 -12.34
CA GLU A 789 -12.06 -14.74 -10.97
C GLU A 789 -10.60 -14.25 -10.86
N GLU A 790 -9.77 -14.70 -11.81
CA GLU A 790 -8.38 -14.27 -11.94
C GLU A 790 -8.30 -12.74 -12.14
N LEU A 791 -9.18 -12.20 -12.98
CA LEU A 791 -9.30 -10.75 -13.15
C LEU A 791 -9.63 -10.03 -11.83
N MET A 792 -10.62 -10.53 -11.14
CA MET A 792 -11.05 -9.91 -9.89
C MET A 792 -9.95 -9.97 -8.83
N LYS A 793 -9.16 -11.05 -8.79
CA LYS A 793 -8.05 -11.16 -7.84
C LYS A 793 -6.97 -10.12 -8.13
N MET A 794 -6.72 -9.85 -9.41
CA MET A 794 -5.76 -8.84 -9.80
CA MET A 794 -5.73 -8.84 -9.76
C MET A 794 -6.18 -7.46 -9.27
N HIS A 795 -7.48 -7.25 -9.19
CA HIS A 795 -8.09 -5.97 -8.79
C HIS A 795 -8.67 -5.94 -7.35
N THR A 796 -8.12 -6.83 -6.53
CA THR A 796 -8.37 -6.85 -5.12
C THR A 796 -8.03 -5.44 -4.54
N ALA A 797 -8.73 -5.05 -3.48
CA ALA A 797 -8.60 -3.69 -2.95
C ALA A 797 -8.84 -3.67 -1.46
N ARG A 798 -8.38 -2.58 -0.81
CA ARG A 798 -8.69 -2.32 0.59
C ARG A 798 -9.96 -1.54 0.64
N VAL A 799 -10.72 -1.75 1.71
CA VAL A 799 -11.91 -0.90 1.89
C VAL A 799 -11.50 0.58 1.87
N ARG A 800 -10.33 0.89 2.44
CA ARG A 800 -9.85 2.27 2.46
C ARG A 800 -9.66 2.86 1.03
N ASP A 801 -9.26 2.01 0.08
CA ASP A 801 -9.09 2.47 -1.33
C ASP A 801 -10.46 2.92 -1.85
N ILE A 802 -11.49 2.16 -1.50
CA ILE A 802 -12.83 2.40 -1.97
C ILE A 802 -13.37 3.68 -1.30
N GLU A 803 -13.07 3.86 -0.01
CA GLU A 803 -13.43 5.10 0.68
C GLU A 803 -12.90 6.34 -0.03
N HIS A 804 -11.63 6.32 -0.38
CA HIS A 804 -11.00 7.46 -1.08
C HIS A 804 -11.74 7.73 -2.40
N LEU A 805 -12.06 6.65 -3.11
CA LEU A 805 -12.66 6.70 -4.45
C LEU A 805 -14.12 7.10 -4.47
N THR A 806 -14.79 7.01 -3.32
CA THR A 806 -16.24 7.24 -3.26
C THR A 806 -16.66 8.35 -2.29
N GLY A 807 -15.77 8.76 -1.37
CA GLY A 807 -16.16 9.72 -0.28
C GLY A 807 -17.18 9.11 0.68
N LEU A 808 -17.17 7.78 0.80
CA LEU A 808 -18.06 7.07 1.75
C LEU A 808 -17.22 6.56 2.93
N ASP A 809 -17.85 6.34 4.07
CA ASP A 809 -17.15 5.82 5.24
C ASP A 809 -17.99 4.63 5.71
N PHE A 810 -17.42 3.44 5.68
CA PHE A 810 -18.13 2.19 5.94
C PHE A 810 -17.92 1.76 7.40
N TYR A 811 -18.61 0.68 7.77
CA TYR A 811 -18.51 0.08 9.10
C TYR A 811 -18.71 1.09 10.23
N ARG A 812 -19.71 1.97 10.11
CA ARG A 812 -20.01 2.98 11.10
C ARG A 812 -20.64 2.41 12.38
N LYS A 813 -21.33 1.30 12.29
CA LYS A 813 -22.00 0.73 13.47
C LYS A 813 -21.67 -0.74 13.62
N THR A 814 -20.59 -1.03 14.29
CA THR A 814 -20.27 -2.41 14.61
C THR A 814 -20.13 -2.46 16.14
N SER A 815 -19.87 -3.64 16.67
CA SER A 815 -19.54 -3.74 18.09
C SER A 815 -18.01 -3.73 18.28
N ARG A 816 -17.25 -3.37 17.25
CA ARG A 816 -15.81 -3.46 17.35
C ARG A 816 -15.20 -2.10 17.68
N SER A 817 -13.99 -2.10 18.24
CA SER A 817 -13.29 -0.84 18.55
C SER A 817 -12.92 -0.16 17.22
N TYR A 818 -12.79 1.15 17.24
CA TYR A 818 -12.62 1.88 16.00
C TYR A 818 -11.25 1.57 15.39
N SER A 819 -10.22 1.46 16.23
CA SER A 819 -8.88 1.11 15.76
CA SER A 819 -8.89 1.12 15.74
C SER A 819 -8.90 -0.25 15.05
N GLU A 820 -9.69 -1.17 15.57
CA GLU A 820 -9.83 -2.48 14.93
C GLU A 820 -10.47 -2.36 13.54
N ILE A 821 -11.47 -1.50 13.45
CA ILE A 821 -12.18 -1.32 12.18
C ILE A 821 -11.20 -0.64 11.22
N LEU A 822 -10.37 0.26 11.71
CA LEU A 822 -9.38 0.90 10.83
C LEU A 822 -8.42 -0.14 10.27
N THR A 823 -7.96 -1.06 11.11
CA THR A 823 -7.14 -2.17 10.62
C THR A 823 -7.90 -3.00 9.55
N LEU A 824 -9.16 -3.29 9.81
CA LEU A 824 -9.95 -4.07 8.85
C LEU A 824 -10.04 -3.29 7.51
N LYS A 825 -10.23 -1.96 7.60
CA LYS A 825 -10.33 -1.16 6.36
C LYS A 825 -9.02 -1.11 5.56
N THR A 826 -7.87 -1.32 6.22
CA THR A 826 -6.61 -1.34 5.48
C THR A 826 -6.22 -2.73 4.97
N TYR A 827 -6.96 -3.75 5.38
CA TYR A 827 -6.70 -5.13 4.95
C TYR A 827 -6.77 -5.29 3.43
N LEU A 828 -5.83 -6.06 2.86
CA LEU A 828 -5.89 -6.38 1.44
C LEU A 828 -5.91 -7.88 1.33
N HIS A 829 -6.94 -8.45 0.70
CA HIS A 829 -6.94 -9.91 0.52
C HIS A 829 -6.12 -10.20 -0.72
N THR A 830 -5.01 -10.93 -0.57
N THR A 830 -4.98 -10.85 -0.54
CA THR A 830 -3.93 -10.97 -1.61
CA THR A 830 -4.26 -11.26 -1.69
C THR A 830 -3.99 -12.12 -2.65
C THR A 830 -4.52 -12.76 -1.71
N TYR A 831 -4.52 -13.26 -2.23
N TYR A 831 -4.39 -13.35 -2.88
CA TYR A 831 -4.62 -14.42 -3.12
CA TYR A 831 -4.66 -14.74 -2.99
C TYR A 831 -3.25 -15.01 -3.51
C TYR A 831 -3.32 -15.42 -3.17
N GLU A 832 -2.26 -14.80 -2.64
CA GLU A 832 -0.93 -15.38 -2.75
C GLU A 832 -0.94 -16.60 -1.83
N SER A 833 -0.17 -17.62 -2.17
CA SER A 833 -0.05 -18.79 -1.29
C SER A 833 0.63 -18.39 0.04
N GLU A 834 0.98 -19.38 0.86
CA GLU A 834 1.51 -19.09 2.19
C GLU A 834 3.03 -19.35 2.25
#